data_3LN6
#
_entry.id   3LN6
#
_cell.length_a   143.020
_cell.length_b   143.020
_cell.length_c   211.230
_cell.angle_alpha   90.000
_cell.angle_beta   90.000
_cell.angle_gamma   90.000
#
_symmetry.space_group_name_H-M   'I 41 2 2'
#
loop_
_entity.id
_entity.type
_entity.pdbx_description
1 polymer 'Glutathione biosynthesis bifunctional protein gshAB'
2 non-polymer 'SULFATE ION'
3 water water
#
_entity_poly.entity_id   1
_entity_poly.type   'polypeptide(L)'
_entity_poly.pdbx_seq_one_letter_code
;MIIDRLLQRSHSHLPILQATFGLERESLRIHQPTQRVAQTPHPKTLGSRNYHPYIQTDYSEPQLELITPIAKDSQEAIRF
LKAISDVAGRSINHDEYLWPLSMPPKVREEDIQIAQLEDAFEYDYRKYLEKTYGKLIQSISGIHYNLGLGQELLTSLFEL
SQADNAIDFQNQLYMKLSQNFLRYRWLLTYLYGASPVAEEDFLDQKLNNPVRSLRNSHLGYVNHKDIRISYTSLKDYVND
LENAVKSGQLIAEKEFYSPVRLRGSKACRNYLEKGITYLEFRTFDLNPFSPIGITQETVDTVHLFLLALLWIDSSSHIDQ
DIKEANRLNDLIALSHPLEKLPNQAPVSDLVDAMQSVIQHFNLSPYYQDLLESVKRQIQSPELTVAGQLLEMIEGLSLET
FGQRQGQIYHDYAWEAPYALKGYETMELSTQLLLFDVIQKGVNFEVLDEQDQFLKLWHNSHIEYVKNGNMTSKDNYIVPL
AMANKVVTKKILDEKHFPTPFGDEFTDRKEALNYFSQIQDKPIVVKPKSTNFGLGISIFKTSANLASYEKAIDIAFTEDS
AILVEEYIEGTEYRFFVLEGDCIAVLLRVAANVVGDGIHTISQLVKLKNQNPLRGYDHRSPLEVIELGEVEQLMLEQQGY
TVNSIPPEGTKIELRRNSNISTGGDSIDVTNTMDPTYKQLAAEMAEAMGAWVCGVDLIIPNATQAYSKDKKNATCIELNF
NPLMYMHTYCQEGPGQSITPRILAKLFPEL
;
_entity_poly.pdbx_strand_id   A
#
loop_
_chem_comp.id
_chem_comp.type
_chem_comp.name
_chem_comp.formula
SO4 non-polymer 'SULFATE ION' 'O4 S -2'
#
# COMPACT_ATOMS: atom_id res chain seq x y z
N ASP A 4 -20.86 -28.81 -18.06
CA ASP A 4 -21.09 -30.22 -18.36
C ASP A 4 -20.65 -31.08 -17.20
N ARG A 5 -19.37 -31.02 -16.88
CA ARG A 5 -18.79 -31.86 -15.85
C ARG A 5 -19.39 -31.48 -14.49
N LEU A 6 -19.47 -32.45 -13.58
CA LEU A 6 -20.05 -32.23 -12.26
C LEU A 6 -19.08 -32.62 -11.14
N LEU A 7 -17.95 -31.93 -11.07
CA LEU A 7 -16.94 -32.23 -10.04
C LEU A 7 -17.32 -31.57 -8.72
N GLN A 8 -18.45 -30.87 -8.74
CA GLN A 8 -19.07 -30.40 -7.52
C GLN A 8 -19.36 -31.66 -6.73
N ARG A 9 -19.60 -32.75 -7.45
CA ARG A 9 -19.81 -34.05 -6.86
C ARG A 9 -18.66 -34.40 -5.94
N SER A 10 -17.51 -33.77 -6.16
CA SER A 10 -16.27 -34.08 -5.44
C SER A 10 -16.22 -33.66 -3.97
N HIS A 11 -15.33 -34.32 -3.25
CA HIS A 11 -15.19 -34.24 -1.82
C HIS A 11 -14.88 -32.85 -1.37
N SER A 12 -15.48 -32.47 -0.25
CA SER A 12 -15.36 -31.12 0.29
C SER A 12 -13.94 -30.75 0.73
N HIS A 13 -13.10 -31.75 0.98
CA HIS A 13 -11.72 -31.48 1.41
C HIS A 13 -10.98 -30.66 0.34
N LEU A 14 -11.48 -30.68 -0.90
CA LEU A 14 -10.88 -29.92 -2.01
C LEU A 14 -11.12 -28.43 -1.85
N PRO A 15 -10.10 -27.62 -2.13
CA PRO A 15 -10.15 -26.18 -1.89
C PRO A 15 -10.70 -25.40 -3.08
N ILE A 16 -12.02 -25.29 -3.19
CA ILE A 16 -12.60 -24.53 -4.29
C ILE A 16 -12.14 -23.06 -4.28
N LEU A 17 -11.87 -22.55 -3.09
CA LEU A 17 -11.52 -21.16 -2.93
C LEU A 17 -10.13 -20.82 -3.47
N GLN A 18 -9.29 -21.84 -3.64
CA GLN A 18 -7.95 -21.60 -4.12
C GLN A 18 -7.97 -20.99 -5.51
N ALA A 19 -7.21 -19.90 -5.66
CA ALA A 19 -7.21 -19.11 -6.88
C ALA A 19 -6.12 -18.02 -6.85
N THR A 20 -5.84 -17.43 -8.01
CA THR A 20 -4.82 -16.39 -8.13
C THR A 20 -5.54 -15.20 -8.62
N PHE A 21 -5.41 -14.09 -7.92
CA PHE A 21 -6.11 -12.89 -8.31
C PHE A 21 -5.17 -11.82 -8.83
N GLY A 22 -5.68 -11.02 -9.76
CA GLY A 22 -4.98 -9.85 -10.24
C GLY A 22 -5.97 -8.71 -10.34
N LEU A 23 -5.50 -7.48 -10.25
CA LEU A 23 -6.44 -6.38 -10.29
C LEU A 23 -5.94 -5.14 -11.03
N GLU A 24 -6.66 -4.75 -12.08
CA GLU A 24 -6.28 -3.60 -12.89
C GLU A 24 -7.32 -2.49 -12.80
N ARG A 25 -6.86 -1.28 -12.52
CA ARG A 25 -7.75 -0.14 -12.34
C ARG A 25 -7.35 1.01 -13.25
N GLU A 26 -8.32 1.58 -13.95
CA GLU A 26 -8.05 2.72 -14.84
C GLU A 26 -8.87 3.86 -14.32
N SER A 27 -8.28 5.04 -14.24
CA SER A 27 -9.02 6.23 -13.86
C SER A 27 -8.50 7.42 -14.62
N LEU A 28 -9.38 8.37 -14.93
CA LEU A 28 -9.00 9.63 -15.55
C LEU A 28 -8.45 10.60 -14.51
N ARG A 29 -7.27 11.16 -14.79
CA ARG A 29 -6.75 12.24 -13.99
C ARG A 29 -7.60 13.45 -14.27
N ILE A 30 -8.13 14.06 -13.23
CA ILE A 30 -8.97 15.21 -13.44
C ILE A 30 -8.35 16.48 -12.83
N HIS A 31 -8.33 17.54 -13.61
CA HIS A 31 -7.82 18.84 -13.19
C HIS A 31 -8.94 19.60 -12.49
N GLN A 32 -8.80 19.82 -11.18
CA GLN A 32 -9.93 20.27 -10.37
C GLN A 32 -10.40 21.69 -10.68
N PRO A 33 -9.46 22.63 -10.73
CA PRO A 33 -9.75 24.04 -11.02
C PRO A 33 -10.45 24.17 -12.37
N THR A 34 -9.93 23.43 -13.34
CA THR A 34 -10.50 23.42 -14.67
C THR A 34 -11.67 22.45 -14.76
N GLN A 35 -11.95 21.73 -13.69
CA GLN A 35 -13.07 20.80 -13.70
C GLN A 35 -12.99 19.97 -14.98
N ARG A 36 -11.78 19.55 -15.36
CA ARG A 36 -11.58 18.90 -16.67
C ARG A 36 -10.37 17.98 -16.76
N VAL A 37 -10.31 17.18 -17.81
CA VAL A 37 -9.27 16.16 -17.93
C VAL A 37 -7.88 16.82 -17.96
N ALA A 38 -6.93 16.20 -17.27
CA ALA A 38 -5.68 16.85 -16.91
C ALA A 38 -4.99 17.49 -18.10
N GLN A 39 -4.98 16.85 -19.24
CA GLN A 39 -4.31 17.44 -20.38
C GLN A 39 -2.85 17.66 -19.99
N THR A 40 -2.36 16.82 -19.07
CA THR A 40 -1.02 16.97 -18.56
C THR A 40 -0.24 15.68 -18.71
N PRO A 41 1.07 15.79 -18.62
CA PRO A 41 2.00 14.70 -18.92
C PRO A 41 2.00 13.78 -17.75
N HIS A 42 2.26 12.51 -18.01
CA HIS A 42 2.36 11.54 -16.95
C HIS A 42 3.41 12.00 -15.97
N PRO A 43 3.09 12.00 -14.68
CA PRO A 43 3.99 12.57 -13.66
C PRO A 43 5.48 12.14 -13.66
N LYS A 44 6.32 13.11 -13.32
CA LYS A 44 7.77 12.96 -13.30
C LYS A 44 8.23 12.21 -12.06
N THR A 45 7.30 12.01 -11.14
CA THR A 45 7.54 11.28 -9.91
C THR A 45 7.43 9.79 -10.16
N LEU A 46 6.51 9.41 -11.04
CA LEU A 46 6.31 8.02 -11.38
C LEU A 46 7.45 7.49 -12.22
N GLY A 47 7.48 6.17 -12.33
CA GLY A 47 8.60 5.51 -12.90
C GLY A 47 8.21 5.35 -14.32
N SER A 48 9.21 5.30 -15.20
CA SER A 48 8.97 5.27 -16.62
C SER A 48 7.74 4.42 -16.99
N ARG A 49 6.99 4.88 -17.99
CA ARG A 49 5.86 4.13 -18.49
CA ARG A 49 5.87 4.11 -18.50
C ARG A 49 6.38 2.86 -19.20
N ASN A 50 7.71 2.80 -19.45
CA ASN A 50 8.33 1.70 -20.21
C ASN A 50 8.58 0.46 -19.38
N TYR A 51 8.78 0.64 -18.09
CA TYR A 51 9.06 -0.49 -17.26
C TYR A 51 8.14 -0.63 -16.07
N HIS A 52 7.25 0.32 -15.82
CA HIS A 52 6.44 0.33 -14.57
C HIS A 52 5.37 -0.76 -14.59
N PRO A 53 5.39 -1.66 -13.59
CA PRO A 53 4.49 -2.82 -13.54
C PRO A 53 3.17 -2.51 -12.89
N TYR A 54 3.12 -1.47 -12.07
CA TYR A 54 1.94 -1.21 -11.28
C TYR A 54 1.15 0.00 -11.77
N ILE A 55 1.85 1.00 -12.25
CA ILE A 55 1.22 2.23 -12.70
C ILE A 55 1.55 2.65 -14.13
N GLN A 56 0.49 2.92 -14.91
CA GLN A 56 0.59 3.20 -16.33
C GLN A 56 -0.60 3.97 -16.90
N THR A 57 -0.66 4.10 -18.24
CA THR A 57 -1.76 4.81 -18.93
C THR A 57 -2.46 3.92 -19.95
N ASP A 58 -3.78 3.76 -19.85
CA ASP A 58 -4.49 2.78 -20.67
C ASP A 58 -4.58 3.11 -22.17
N TYR A 59 -5.09 4.30 -22.50
CA TYR A 59 -5.26 4.71 -23.89
C TYR A 59 -4.87 6.16 -24.06
N SER A 60 -5.56 7.04 -23.35
CA SER A 60 -5.20 8.45 -23.30
C SER A 60 -4.14 8.71 -22.20
N GLU A 61 -3.35 9.76 -22.34
CA GLU A 61 -2.35 10.18 -21.34
C GLU A 61 -2.97 10.49 -19.98
N PRO A 62 -4.16 11.09 -20.00
CA PRO A 62 -4.93 11.32 -18.79
C PRO A 62 -5.33 10.02 -18.07
N GLN A 63 -5.80 9.03 -18.82
CA GLN A 63 -6.27 7.79 -18.24
C GLN A 63 -5.15 7.04 -17.60
N LEU A 64 -5.30 6.84 -16.31
CA LEU A 64 -4.26 6.24 -15.50
C LEU A 64 -4.67 4.84 -15.17
N GLU A 65 -3.79 3.87 -15.36
CA GLU A 65 -4.09 2.48 -15.02
C GLU A 65 -3.12 1.90 -14.02
N LEU A 66 -3.67 1.39 -12.93
CA LEU A 66 -2.91 0.80 -11.87
C LEU A 66 -3.15 -0.69 -11.91
N ILE A 67 -2.06 -1.42 -12.02
CA ILE A 67 -2.06 -2.86 -12.22
C ILE A 67 -1.44 -3.45 -10.99
N THR A 68 -2.06 -4.48 -10.44
CA THR A 68 -1.58 -5.06 -9.20
C THR A 68 -0.80 -6.30 -9.53
N PRO A 69 0.31 -6.51 -8.82
CA PRO A 69 1.00 -7.80 -8.91
C PRO A 69 0.01 -8.94 -8.64
N ILE A 70 0.43 -10.18 -8.76
CA ILE A 70 -0.49 -11.29 -8.58
C ILE A 70 -0.65 -11.65 -7.08
N ALA A 71 -1.88 -12.00 -6.70
CA ALA A 71 -2.26 -12.09 -5.32
C ALA A 71 -2.89 -13.44 -4.93
N LYS A 72 -2.38 -14.05 -3.88
CA LYS A 72 -2.90 -15.30 -3.33
C LYS A 72 -4.37 -15.32 -2.89
N ASP A 73 -4.81 -14.25 -2.23
CA ASP A 73 -6.18 -14.15 -1.75
C ASP A 73 -6.78 -13.00 -2.53
N SER A 74 -8.11 -12.92 -2.47
CA SER A 74 -8.79 -11.72 -2.90
C SER A 74 -8.26 -10.59 -2.03
N GLN A 75 -8.04 -10.90 -0.76
CA GLN A 75 -7.58 -9.95 0.22
C GLN A 75 -6.22 -9.36 -0.07
N GLU A 76 -5.34 -10.21 -0.55
CA GLU A 76 -4.01 -9.78 -0.90
C GLU A 76 -4.01 -8.93 -2.13
N ALA A 77 -5.02 -9.12 -2.97
CA ALA A 77 -5.09 -8.32 -4.18
C ALA A 77 -5.64 -6.95 -3.88
N ILE A 78 -6.67 -6.89 -3.04
CA ILE A 78 -7.26 -5.63 -2.61
C ILE A 78 -6.23 -4.73 -1.96
N ARG A 79 -5.56 -5.20 -0.93
CA ARG A 79 -4.50 -4.43 -0.35
C ARG A 79 -3.54 -3.93 -1.46
N PHE A 80 -3.14 -4.80 -2.37
CA PHE A 80 -2.30 -4.37 -3.49
C PHE A 80 -2.90 -3.18 -4.21
N LEU A 81 -4.18 -3.25 -4.47
CA LEU A 81 -4.84 -2.19 -5.19
C LEU A 81 -4.79 -0.90 -4.37
N LYS A 82 -4.92 -1.05 -3.06
CA LYS A 82 -4.99 0.08 -2.15
C LYS A 82 -3.68 0.83 -2.11
N ALA A 83 -2.60 0.08 -1.91
CA ALA A 83 -1.29 0.66 -1.90
C ALA A 83 -0.99 1.34 -3.21
N ILE A 84 -1.25 0.67 -4.32
CA ILE A 84 -0.98 1.25 -5.63
C ILE A 84 -1.78 2.53 -5.80
N SER A 85 -3.06 2.49 -5.45
CA SER A 85 -3.93 3.65 -5.57
C SER A 85 -3.39 4.79 -4.71
N ASP A 86 -2.89 4.43 -3.53
CA ASP A 86 -2.31 5.43 -2.68
C ASP A 86 -1.06 6.05 -3.26
N VAL A 87 -0.11 5.25 -3.72
CA VAL A 87 1.05 5.82 -4.37
C VAL A 87 0.61 6.77 -5.46
N ALA A 88 -0.33 6.31 -6.28
CA ALA A 88 -0.83 7.13 -7.36
C ALA A 88 -1.46 8.40 -6.80
N GLY A 89 -2.29 8.28 -5.77
CA GLY A 89 -2.83 9.47 -5.13
C GLY A 89 -1.72 10.48 -4.88
N ARG A 90 -0.67 10.12 -4.16
CA ARG A 90 0.29 11.12 -3.75
C ARG A 90 1.33 11.48 -4.79
N SER A 91 1.38 10.76 -5.91
CA SER A 91 2.37 11.01 -6.96
C SER A 91 1.85 11.99 -8.02
N ILE A 92 0.55 11.97 -8.20
CA ILE A 92 -0.20 12.89 -9.04
C ILE A 92 0.04 14.35 -8.61
N ASN A 93 -0.08 15.29 -9.55
CA ASN A 93 -0.02 16.69 -9.18
C ASN A 93 -1.13 17.07 -8.22
N HIS A 94 -0.82 17.95 -7.28
CA HIS A 94 -1.75 18.25 -6.23
C HIS A 94 -3.03 18.86 -6.75
N ASP A 95 -2.93 19.58 -7.88
CA ASP A 95 -4.07 20.21 -8.54
C ASP A 95 -5.07 19.20 -9.10
N GLU A 96 -4.54 18.11 -9.67
CA GLU A 96 -5.36 17.06 -10.28
C GLU A 96 -5.92 16.11 -9.19
N TYR A 97 -6.84 15.23 -9.59
CA TYR A 97 -7.44 14.19 -8.71
C TYR A 97 -8.04 13.04 -9.51
N LEU A 98 -8.33 11.92 -8.88
CA LEU A 98 -8.78 10.80 -9.67
C LEU A 98 -10.25 10.69 -9.78
N TRP A 99 -10.66 10.54 -11.03
CA TRP A 99 -12.04 10.50 -11.43
C TRP A 99 -12.61 9.13 -11.01
N PRO A 100 -13.56 9.13 -10.06
CA PRO A 100 -14.16 7.92 -9.49
C PRO A 100 -15.11 7.14 -10.40
N LEU A 101 -15.88 7.84 -11.23
CA LEU A 101 -16.87 7.20 -12.09
C LEU A 101 -16.29 6.62 -13.38
N SER A 102 -16.88 5.53 -13.85
CA SER A 102 -16.51 4.92 -15.12
C SER A 102 -16.72 5.92 -16.28
N MET A 103 -17.86 6.60 -16.27
CA MET A 103 -18.18 7.58 -17.29
C MET A 103 -17.31 8.79 -17.11
N PRO A 104 -16.96 9.44 -18.21
CA PRO A 104 -16.06 10.59 -18.16
C PRO A 104 -16.78 11.78 -17.53
N PRO A 105 -16.05 12.86 -17.16
CA PRO A 105 -16.60 14.07 -16.55
C PRO A 105 -17.25 15.02 -17.59
N LYS A 106 -16.55 15.19 -18.71
CA LYS A 106 -16.98 16.03 -19.81
C LYS A 106 -16.36 15.39 -21.03
N VAL A 107 -16.88 15.68 -22.21
CA VAL A 107 -16.34 15.01 -23.38
C VAL A 107 -15.57 15.97 -24.30
N ARG A 108 -14.29 15.70 -24.52
CA ARG A 108 -13.47 16.49 -25.43
C ARG A 108 -12.68 15.59 -26.38
N GLU A 109 -13.03 15.57 -27.66
CA GLU A 109 -12.24 14.81 -28.63
C GLU A 109 -10.79 15.32 -28.60
N GLU A 110 -10.63 16.64 -28.46
CA GLU A 110 -9.31 17.26 -28.41
C GLU A 110 -8.55 16.91 -27.15
N ASP A 111 -9.25 16.88 -26.02
CA ASP A 111 -8.61 16.57 -24.74
C ASP A 111 -8.03 15.15 -24.74
N ILE A 112 -8.73 14.22 -25.34
CA ILE A 112 -8.24 12.85 -25.38
C ILE A 112 -7.16 12.74 -26.42
N GLN A 113 -5.92 12.76 -25.95
CA GLN A 113 -4.76 12.67 -26.80
C GLN A 113 -4.04 11.38 -26.50
N ILE A 114 -3.74 10.61 -27.55
CA ILE A 114 -3.13 9.29 -27.37
C ILE A 114 -1.93 9.44 -26.45
N ALA A 115 -1.87 8.59 -25.45
CA ALA A 115 -0.78 8.59 -24.49
C ALA A 115 0.56 8.57 -25.21
N GLN A 116 1.52 9.32 -24.69
CA GLN A 116 2.86 9.42 -25.28
C GLN A 116 3.73 8.23 -24.87
N LEU A 117 4.00 7.35 -25.82
CA LEU A 117 4.75 6.14 -25.54
C LEU A 117 5.96 6.10 -26.45
N GLU A 118 7.10 5.68 -25.91
CA GLU A 118 8.33 5.65 -26.70
C GLU A 118 8.28 4.64 -27.84
N ASP A 119 7.65 3.50 -27.62
CA ASP A 119 7.53 2.50 -28.69
C ASP A 119 6.67 2.99 -29.86
N ALA A 120 7.21 2.91 -31.07
CA ALA A 120 6.52 3.39 -32.28
C ALA A 120 5.29 2.56 -32.63
N PHE A 121 5.41 1.24 -32.47
CA PHE A 121 4.32 0.32 -32.82
C PHE A 121 3.11 0.58 -31.96
N GLU A 122 3.36 0.93 -30.71
CA GLU A 122 2.28 1.25 -29.81
C GLU A 122 1.51 2.38 -30.43
N TYR A 123 2.23 3.37 -30.93
CA TYR A 123 1.63 4.57 -31.49
C TYR A 123 0.71 4.22 -32.65
N ASP A 124 1.19 3.41 -33.58
CA ASP A 124 0.37 3.06 -34.73
C ASP A 124 -0.88 2.28 -34.32
N TYR A 125 -0.77 1.39 -33.33
CA TYR A 125 -1.91 0.61 -32.87
C TYR A 125 -2.92 1.50 -32.17
N ARG A 126 -2.43 2.41 -31.33
CA ARG A 126 -3.28 3.39 -30.66
C ARG A 126 -3.91 4.30 -31.72
N LYS A 127 -3.11 4.68 -32.71
CA LYS A 127 -3.59 5.48 -33.81
C LYS A 127 -4.68 4.69 -34.53
N TYR A 128 -4.31 3.47 -34.94
CA TYR A 128 -5.22 2.59 -35.67
C TYR A 128 -6.54 2.50 -34.90
N LEU A 129 -6.42 2.34 -33.58
CA LEU A 129 -7.58 2.21 -32.71
C LEU A 129 -8.39 3.50 -32.69
N GLU A 130 -7.71 4.63 -32.70
CA GLU A 130 -8.38 5.93 -32.64
C GLU A 130 -9.24 6.12 -33.88
N LYS A 131 -8.73 5.70 -35.02
CA LYS A 131 -9.44 5.91 -36.29
C LYS A 131 -10.67 5.04 -36.37
N THR A 132 -10.55 3.79 -35.92
CA THR A 132 -11.65 2.82 -36.03
C THR A 132 -12.84 3.11 -35.11
N TYR A 133 -12.56 3.56 -33.88
CA TYR A 133 -13.62 3.77 -32.90
C TYR A 133 -13.68 5.20 -32.40
N GLY A 134 -12.63 5.97 -32.64
CA GLY A 134 -12.61 7.37 -32.27
C GLY A 134 -12.04 7.59 -30.90
N LYS A 135 -11.58 8.81 -30.63
CA LYS A 135 -10.94 9.14 -29.37
C LYS A 135 -11.88 9.04 -28.15
N LEU A 136 -13.11 9.52 -28.31
CA LEU A 136 -14.05 9.67 -27.19
C LEU A 136 -14.34 8.36 -26.43
N ILE A 137 -14.50 7.24 -27.12
CA ILE A 137 -14.86 5.98 -26.45
C ILE A 137 -13.72 5.50 -25.52
N GLN A 138 -12.49 5.81 -25.92
CA GLN A 138 -11.30 5.41 -25.18
C GLN A 138 -11.24 5.97 -23.77
N SER A 139 -12.08 6.95 -23.48
CA SER A 139 -12.04 7.67 -22.21
C SER A 139 -12.75 6.95 -21.07
N ILE A 140 -13.80 6.21 -21.42
CA ILE A 140 -14.51 5.41 -20.44
C ILE A 140 -13.55 4.51 -19.65
N SER A 141 -13.74 4.47 -18.32
CA SER A 141 -12.86 3.74 -17.41
C SER A 141 -13.58 2.60 -16.66
N GLY A 142 -12.82 1.59 -16.29
CA GLY A 142 -13.36 0.49 -15.52
C GLY A 142 -12.31 -0.36 -14.86
N ILE A 143 -12.76 -1.28 -14.01
CA ILE A 143 -11.83 -2.19 -13.39
C ILE A 143 -11.96 -3.59 -13.95
N HIS A 144 -10.81 -4.22 -14.15
CA HIS A 144 -10.72 -5.58 -14.66
C HIS A 144 -10.33 -6.55 -13.56
N TYR A 145 -11.04 -7.68 -13.51
CA TYR A 145 -10.90 -8.68 -12.47
C TYR A 145 -10.28 -9.91 -13.07
N ASN A 146 -9.07 -10.24 -12.65
CA ASN A 146 -8.40 -11.38 -13.24
C ASN A 146 -8.22 -12.56 -12.29
N LEU A 147 -8.89 -13.67 -12.59
CA LEU A 147 -8.82 -14.86 -11.75
C LEU A 147 -8.24 -16.10 -12.43
N GLY A 148 -7.35 -16.83 -11.74
CA GLY A 148 -6.85 -18.10 -12.24
C GLY A 148 -6.99 -19.15 -11.16
N LEU A 149 -7.46 -20.34 -11.49
CA LEU A 149 -7.72 -21.36 -10.47
C LEU A 149 -6.47 -22.06 -9.96
N GLY A 150 -6.46 -22.41 -8.67
CA GLY A 150 -5.31 -23.03 -8.05
C GLY A 150 -4.91 -24.37 -8.64
N GLN A 151 -3.63 -24.56 -8.90
CA GLN A 151 -3.19 -25.76 -9.53
C GLN A 151 -3.72 -26.92 -8.74
N GLU A 152 -3.58 -26.87 -7.42
CA GLU A 152 -4.05 -27.98 -6.62
C GLU A 152 -5.55 -28.19 -6.86
N LEU A 153 -6.32 -27.12 -6.94
CA LEU A 153 -7.73 -27.25 -7.20
C LEU A 153 -7.98 -27.87 -8.54
N LEU A 154 -7.22 -27.43 -9.55
CA LEU A 154 -7.36 -27.92 -10.92
C LEU A 154 -6.89 -29.35 -11.07
N THR A 155 -5.78 -29.68 -10.44
CA THR A 155 -5.21 -31.01 -10.50
C THR A 155 -6.14 -32.01 -9.84
N SER A 156 -6.65 -31.71 -8.65
CA SER A 156 -7.64 -32.59 -8.02
C SER A 156 -8.91 -32.75 -8.86
N LEU A 157 -9.34 -31.69 -9.54
CA LEU A 157 -10.53 -31.76 -10.35
C LEU A 157 -10.26 -32.63 -11.55
N PHE A 158 -9.05 -32.51 -12.08
CA PHE A 158 -8.63 -33.20 -13.29
C PHE A 158 -8.56 -34.69 -13.10
N GLU A 159 -8.22 -35.10 -11.88
CA GLU A 159 -8.00 -36.50 -11.57
C GLU A 159 -9.29 -37.25 -11.58
N LEU A 160 -10.35 -36.62 -11.11
CA LEU A 160 -11.63 -37.30 -11.06
C LEU A 160 -12.23 -37.47 -12.45
N SER A 161 -12.22 -36.41 -13.24
CA SER A 161 -12.92 -36.45 -14.52
C SER A 161 -12.28 -37.32 -15.64
N GLN A 162 -10.99 -37.15 -15.91
CA GLN A 162 -10.33 -37.85 -17.03
C GLN A 162 -8.82 -37.77 -16.90
N ALA A 163 -8.10 -38.57 -17.68
CA ALA A 163 -6.64 -38.55 -17.60
C ALA A 163 -5.98 -37.95 -18.84
N ASP A 164 -6.76 -37.36 -19.74
CA ASP A 164 -6.22 -36.95 -21.03
C ASP A 164 -5.13 -35.85 -21.04
N ASN A 165 -5.33 -34.71 -20.39
CA ASN A 165 -4.36 -33.61 -20.52
C ASN A 165 -4.49 -32.55 -19.42
N ALA A 166 -3.38 -32.02 -18.92
CA ALA A 166 -3.48 -30.89 -18.01
C ALA A 166 -4.16 -29.83 -18.82
N ILE A 167 -3.64 -29.63 -20.02
CA ILE A 167 -4.04 -28.53 -20.86
C ILE A 167 -5.44 -28.68 -21.47
N ASP A 168 -5.77 -29.85 -21.98
CA ASP A 168 -7.06 -30.00 -22.65
C ASP A 168 -8.14 -29.82 -21.62
N PHE A 169 -7.90 -30.36 -20.44
CA PHE A 169 -8.86 -30.27 -19.36
C PHE A 169 -9.07 -28.83 -18.89
N GLN A 170 -7.98 -28.15 -18.61
CA GLN A 170 -8.06 -26.79 -18.12
C GLN A 170 -8.88 -26.04 -19.11
N ASN A 171 -8.55 -26.23 -20.38
CA ASN A 171 -9.22 -25.53 -21.42
C ASN A 171 -10.70 -25.77 -21.38
N GLN A 172 -11.09 -27.01 -21.11
CA GLN A 172 -12.51 -27.31 -21.11
C GLN A 172 -13.10 -26.50 -20.00
N LEU A 173 -12.46 -26.58 -18.86
CA LEU A 173 -12.95 -25.93 -17.69
C LEU A 173 -13.05 -24.43 -17.92
N TYR A 174 -11.96 -23.81 -18.31
CA TYR A 174 -11.94 -22.39 -18.57
C TYR A 174 -13.07 -22.00 -19.52
N MET A 175 -13.24 -22.76 -20.59
CA MET A 175 -14.27 -22.47 -21.59
C MET A 175 -15.66 -22.49 -20.95
N LYS A 176 -15.90 -23.48 -20.10
CA LYS A 176 -17.19 -23.64 -19.41
C LYS A 176 -17.50 -22.43 -18.57
N LEU A 177 -16.45 -21.90 -17.96
CA LEU A 177 -16.55 -20.73 -17.13
C LEU A 177 -16.89 -19.47 -17.92
N SER A 178 -16.06 -19.18 -18.90
CA SER A 178 -16.31 -18.01 -19.70
C SER A 178 -17.76 -18.03 -20.22
N GLN A 179 -18.23 -19.20 -20.66
CA GLN A 179 -19.55 -19.33 -21.28
C GLN A 179 -20.64 -19.03 -20.27
N ASN A 180 -20.49 -19.60 -19.10
CA ASN A 180 -21.47 -19.36 -18.09
C ASN A 180 -21.34 -17.94 -17.60
N PHE A 181 -20.14 -17.41 -17.66
CA PHE A 181 -19.96 -16.03 -17.28
C PHE A 181 -20.81 -15.14 -18.16
N LEU A 182 -20.78 -15.37 -19.48
CA LEU A 182 -21.48 -14.50 -20.42
C LEU A 182 -22.96 -14.61 -20.23
N ARG A 183 -23.37 -15.85 -19.93
CA ARG A 183 -24.77 -16.24 -19.71
C ARG A 183 -25.37 -15.58 -18.47
N TYR A 184 -24.63 -15.56 -17.38
CA TYR A 184 -25.18 -15.03 -16.15
C TYR A 184 -24.56 -13.71 -15.76
N ARG A 185 -23.72 -13.20 -16.64
CA ARG A 185 -23.03 -11.97 -16.38
C ARG A 185 -24.04 -10.96 -15.90
N TRP A 186 -25.18 -10.89 -16.56
CA TRP A 186 -26.17 -9.86 -16.26
C TRP A 186 -26.31 -9.63 -14.75
N LEU A 187 -26.19 -10.69 -13.96
CA LEU A 187 -26.39 -10.53 -12.54
C LEU A 187 -25.32 -9.60 -11.95
N LEU A 188 -24.06 -9.91 -12.23
CA LEU A 188 -22.96 -9.07 -11.77
C LEU A 188 -23.17 -7.64 -12.21
N THR A 189 -23.63 -7.45 -13.43
CA THR A 189 -23.85 -6.10 -13.92
C THR A 189 -24.97 -5.44 -13.13
N TYR A 190 -26.00 -6.20 -12.82
CA TYR A 190 -27.11 -5.67 -12.08
C TYR A 190 -26.68 -5.19 -10.68
N LEU A 191 -25.93 -6.01 -9.95
CA LEU A 191 -25.59 -5.69 -8.56
C LEU A 191 -24.71 -4.50 -8.47
N TYR A 192 -23.81 -4.42 -9.42
CA TYR A 192 -22.81 -3.40 -9.37
C TYR A 192 -22.84 -2.51 -10.60
N GLY A 193 -24.01 -2.00 -10.94
CA GLY A 193 -24.09 -1.12 -12.09
C GLY A 193 -23.62 0.21 -11.57
N ALA A 194 -22.65 0.84 -12.24
CA ALA A 194 -22.18 2.16 -11.82
C ALA A 194 -22.17 3.23 -12.91
N SER A 195 -22.99 3.06 -13.96
CA SER A 195 -22.98 3.98 -15.10
C SER A 195 -24.37 4.39 -15.54
N PRO A 196 -25.01 5.29 -14.80
CA PRO A 196 -26.36 5.75 -15.11
C PRO A 196 -26.45 6.68 -16.31
N VAL A 197 -25.52 7.61 -16.47
CA VAL A 197 -25.62 8.62 -17.54
C VAL A 197 -24.28 9.14 -18.01
N ALA A 198 -24.30 9.77 -19.18
CA ALA A 198 -23.11 10.42 -19.73
C ALA A 198 -23.39 11.89 -20.01
N GLU A 199 -22.46 12.75 -19.64
CA GLU A 199 -22.64 14.18 -19.86
C GLU A 199 -22.66 14.55 -21.33
N GLU A 200 -21.74 14.00 -22.10
CA GLU A 200 -21.71 14.26 -23.54
C GLU A 200 -21.55 13.04 -24.44
N ASP A 201 -21.08 11.95 -23.86
CA ASP A 201 -20.81 10.73 -24.62
C ASP A 201 -22.08 10.27 -25.30
N PHE A 202 -23.17 10.23 -24.53
CA PHE A 202 -24.42 9.73 -25.03
C PHE A 202 -25.00 10.82 -25.89
N LEU A 203 -25.12 10.51 -27.18
CA LEU A 203 -25.64 11.47 -28.13
C LEU A 203 -27.10 11.79 -27.86
N ASP A 204 -27.93 10.80 -27.54
CA ASP A 204 -29.35 11.11 -27.51
C ASP A 204 -30.23 10.54 -26.42
N GLN A 205 -29.70 9.96 -25.35
CA GLN A 205 -30.60 9.24 -24.46
C GLN A 205 -31.09 9.99 -23.21
N LYS A 206 -30.87 11.30 -23.12
CA LYS A 206 -31.40 12.09 -22.00
C LYS A 206 -32.91 11.84 -21.86
N LEU A 207 -33.61 11.93 -22.99
CA LEU A 207 -35.02 11.58 -23.09
C LEU A 207 -35.26 10.14 -22.62
N ASN A 208 -34.42 9.23 -23.07
CA ASN A 208 -34.48 7.84 -22.64
C ASN A 208 -34.47 7.74 -21.13
N ASN A 209 -33.64 8.56 -20.49
CA ASN A 209 -33.49 8.64 -19.03
C ASN A 209 -32.35 7.79 -18.48
N PRO A 210 -32.14 7.85 -17.15
CA PRO A 210 -31.07 7.10 -16.48
C PRO A 210 -31.23 5.61 -16.68
N VAL A 211 -30.12 4.97 -17.01
CA VAL A 211 -30.07 3.53 -17.20
C VAL A 211 -29.13 3.04 -16.13
N ARG A 212 -29.21 1.79 -15.74
CA ARG A 212 -28.34 1.32 -14.67
C ARG A 212 -26.88 1.30 -15.10
N SER A 213 -26.58 0.72 -16.26
CA SER A 213 -25.18 0.65 -16.69
C SER A 213 -24.96 0.90 -18.19
N LEU A 214 -24.54 2.13 -18.51
CA LEU A 214 -24.20 2.51 -19.86
C LEU A 214 -22.92 1.80 -20.32
N ARG A 215 -21.95 1.66 -19.43
CA ARG A 215 -20.65 1.09 -19.79
C ARG A 215 -20.82 -0.33 -20.28
N ASN A 216 -21.68 -1.08 -19.61
CA ASN A 216 -21.97 -2.43 -20.03
C ASN A 216 -23.04 -2.47 -21.11
N SER A 217 -23.61 -1.31 -21.41
CA SER A 217 -24.68 -1.24 -22.38
C SER A 217 -24.16 -1.53 -23.79
N HIS A 218 -25.07 -1.96 -24.64
CA HIS A 218 -24.76 -2.20 -26.04
C HIS A 218 -24.13 -0.98 -26.64
N LEU A 219 -24.72 0.17 -26.35
CA LEU A 219 -24.35 1.40 -27.03
C LEU A 219 -22.91 1.77 -26.71
N GLY A 220 -22.44 1.40 -25.51
CA GLY A 220 -21.12 1.76 -25.06
C GLY A 220 -20.02 0.77 -25.39
N TYR A 221 -19.11 1.19 -26.25
CA TYR A 221 -18.01 0.35 -26.68
C TYR A 221 -18.40 -1.06 -27.07
N VAL A 222 -19.35 -1.19 -27.98
CA VAL A 222 -19.73 -2.49 -28.52
C VAL A 222 -19.75 -2.44 -30.05
N ASN A 223 -18.58 -2.20 -30.65
CA ASN A 223 -18.47 -2.06 -32.10
C ASN A 223 -18.36 -3.41 -32.80
N HIS A 224 -18.32 -3.38 -34.13
CA HIS A 224 -18.16 -4.60 -34.91
C HIS A 224 -19.28 -5.57 -34.57
N LYS A 225 -20.51 -5.08 -34.60
CA LYS A 225 -21.65 -5.93 -34.33
C LYS A 225 -21.58 -7.13 -35.28
N ASP A 226 -21.10 -6.87 -36.48
CA ASP A 226 -20.96 -7.93 -37.47
C ASP A 226 -20.01 -9.01 -36.96
N ILE A 227 -18.93 -8.60 -36.32
CA ILE A 227 -17.96 -9.56 -35.79
C ILE A 227 -18.65 -10.52 -34.84
N ARG A 228 -18.29 -11.80 -34.93
CA ARG A 228 -18.89 -12.81 -34.07
C ARG A 228 -17.89 -13.90 -33.75
N ILE A 229 -17.84 -14.34 -32.50
CA ILE A 229 -17.00 -15.45 -32.14
C ILE A 229 -17.80 -16.58 -31.50
N SER A 230 -17.72 -17.78 -32.06
CA SER A 230 -18.42 -18.91 -31.48
C SER A 230 -17.65 -19.33 -30.25
N TYR A 231 -18.36 -19.49 -29.14
CA TYR A 231 -17.71 -19.87 -27.90
C TYR A 231 -17.99 -21.35 -27.55
N THR A 232 -18.47 -22.13 -28.52
CA THR A 232 -18.81 -23.51 -28.25
C THR A 232 -17.58 -24.26 -27.76
N SER A 233 -16.44 -24.01 -28.41
CA SER A 233 -15.22 -24.72 -28.10
C SER A 233 -14.06 -23.75 -28.16
N LEU A 234 -12.94 -24.14 -27.53
CA LEU A 234 -11.74 -23.32 -27.58
C LEU A 234 -11.37 -23.18 -29.04
N LYS A 235 -11.44 -24.28 -29.79
CA LYS A 235 -11.14 -24.27 -31.23
C LYS A 235 -12.05 -23.32 -31.97
N ASP A 236 -13.35 -23.40 -31.70
CA ASP A 236 -14.32 -22.53 -32.33
C ASP A 236 -14.05 -21.06 -32.00
N TYR A 237 -13.80 -20.78 -30.74
CA TYR A 237 -13.44 -19.43 -30.39
C TYR A 237 -12.14 -19.05 -31.10
N VAL A 238 -11.15 -19.93 -31.07
CA VAL A 238 -9.84 -19.65 -31.65
C VAL A 238 -9.85 -19.53 -33.17
N ASN A 239 -10.46 -20.47 -33.86
CA ASN A 239 -10.59 -20.41 -35.31
C ASN A 239 -11.39 -19.18 -35.72
N ASP A 240 -12.52 -18.95 -35.07
CA ASP A 240 -13.39 -17.82 -35.39
C ASP A 240 -12.63 -16.50 -35.22
N LEU A 241 -11.83 -16.43 -34.17
CA LEU A 241 -11.09 -15.21 -33.83
C LEU A 241 -9.98 -14.92 -34.83
N GLU A 242 -9.20 -15.92 -35.20
CA GLU A 242 -8.05 -15.67 -36.09
C GLU A 242 -8.55 -15.22 -37.45
N ASN A 243 -9.49 -15.99 -37.99
CA ASN A 243 -10.04 -15.74 -39.31
C ASN A 243 -10.73 -14.38 -39.31
N ALA A 244 -11.52 -14.12 -38.27
CA ALA A 244 -12.21 -12.85 -38.15
C ALA A 244 -11.19 -11.84 -37.68
N VAL A 245 -10.21 -11.57 -38.51
CA VAL A 245 -9.12 -10.69 -38.17
C VAL A 245 -9.46 -9.23 -38.54
N LYS A 246 -10.62 -9.00 -39.13
CA LYS A 246 -11.06 -7.64 -39.49
C LYS A 246 -11.07 -6.75 -38.25
N SER A 247 -11.66 -7.23 -37.17
CA SER A 247 -11.68 -6.51 -35.90
C SER A 247 -10.26 -6.33 -35.41
N GLY A 248 -9.43 -7.33 -35.69
CA GLY A 248 -8.05 -7.38 -35.21
C GLY A 248 -7.20 -6.26 -35.73
N GLN A 249 -7.38 -5.89 -36.99
CA GLN A 249 -6.57 -4.83 -37.56
C GLN A 249 -5.10 -5.21 -37.45
N ALA A 252 -3.04 -7.89 -33.34
CA ALA A 252 -3.55 -9.25 -33.43
C ALA A 252 -4.99 -9.27 -32.95
N GLU A 253 -5.28 -10.18 -32.03
CA GLU A 253 -6.63 -10.34 -31.56
C GLU A 253 -6.93 -9.35 -30.42
N LYS A 254 -5.98 -8.46 -30.10
CA LYS A 254 -6.14 -7.56 -28.94
C LYS A 254 -7.37 -6.68 -29.08
N GLU A 255 -7.66 -6.25 -30.32
CA GLU A 255 -8.77 -5.32 -30.54
C GLU A 255 -10.12 -5.99 -30.21
N PHE A 256 -10.15 -7.31 -30.18
CA PHE A 256 -11.39 -7.99 -29.82
C PHE A 256 -11.78 -7.62 -28.41
N TYR A 257 -13.02 -7.17 -28.26
CA TYR A 257 -13.49 -6.71 -26.97
C TYR A 257 -14.66 -7.57 -26.46
N SER A 258 -14.33 -8.47 -25.54
CA SER A 258 -15.35 -9.34 -24.96
C SER A 258 -15.45 -9.05 -23.49
N PRO A 259 -16.60 -9.39 -22.89
CA PRO A 259 -16.79 -9.27 -21.44
C PRO A 259 -15.76 -10.08 -20.67
N VAL A 260 -15.36 -11.26 -21.17
CA VAL A 260 -14.35 -12.08 -20.50
C VAL A 260 -13.27 -12.48 -21.50
N ARG A 261 -12.05 -12.00 -21.30
CA ARG A 261 -11.00 -12.28 -22.26
C ARG A 261 -10.12 -13.40 -21.76
N LEU A 262 -9.88 -14.38 -22.62
CA LEU A 262 -8.89 -15.40 -22.36
C LEU A 262 -7.54 -14.75 -22.27
N ARG A 263 -6.71 -15.23 -21.35
CA ARG A 263 -5.43 -14.58 -21.12
C ARG A 263 -4.31 -15.56 -20.79
N GLY A 264 -3.07 -15.05 -20.79
CA GLY A 264 -1.91 -15.85 -20.46
C GLY A 264 -1.40 -16.46 -21.72
N SER A 265 -2.11 -16.19 -22.81
CA SER A 265 -1.77 -16.71 -24.12
C SER A 265 -1.38 -15.53 -25.02
N LYS A 266 -0.19 -15.57 -25.60
CA LYS A 266 0.24 -14.47 -26.45
C LYS A 266 -0.70 -14.29 -27.64
N ALA A 267 -0.99 -15.35 -28.37
CA ALA A 267 -1.94 -15.27 -29.49
C ALA A 267 -3.02 -16.29 -29.31
N CYS A 268 -4.23 -15.95 -29.74
CA CYS A 268 -5.30 -16.91 -29.68
C CYS A 268 -4.81 -18.14 -30.41
N ARG A 269 -4.79 -19.28 -29.70
CA ARG A 269 -4.41 -20.55 -30.30
C ARG A 269 -2.91 -20.87 -30.15
N ASN A 270 -2.11 -19.84 -29.94
CA ASN A 270 -0.69 -20.04 -29.70
C ASN A 270 -0.54 -20.93 -28.48
N TYR A 271 -1.37 -20.64 -27.50
CA TYR A 271 -1.30 -21.32 -26.22
C TYR A 271 -2.40 -22.37 -26.05
N LEU A 272 -3.17 -22.64 -27.11
CA LEU A 272 -4.13 -23.73 -27.04
C LEU A 272 -3.36 -25.00 -26.67
N GLU A 273 -2.17 -25.12 -27.25
CA GLU A 273 -1.22 -26.17 -26.90
C GLU A 273 -0.74 -26.13 -25.44
N LYS A 274 -0.61 -24.93 -24.85
CA LYS A 274 -0.04 -24.75 -23.50
C LYS A 274 -1.04 -24.43 -22.39
N GLY A 275 -2.33 -24.34 -22.70
CA GLY A 275 -3.35 -24.06 -21.69
C GLY A 275 -3.81 -22.61 -21.53
N ILE A 276 -5.02 -22.43 -21.03
CA ILE A 276 -5.47 -21.10 -20.68
C ILE A 276 -4.89 -20.77 -19.31
N THR A 277 -4.02 -19.76 -19.25
CA THR A 277 -3.33 -19.47 -18.00
C THR A 277 -4.26 -18.90 -16.94
N TYR A 278 -5.17 -18.03 -17.37
CA TYR A 278 -6.22 -17.55 -16.49
C TYR A 278 -7.25 -16.74 -17.26
N LEU A 279 -8.44 -16.62 -16.70
CA LEU A 279 -9.50 -15.87 -17.34
C LEU A 279 -9.51 -14.48 -16.74
N GLU A 280 -9.94 -13.48 -17.49
CA GLU A 280 -9.96 -12.10 -17.02
C GLU A 280 -11.32 -11.51 -17.25
N PHE A 281 -11.86 -10.83 -16.26
CA PHE A 281 -13.21 -10.33 -16.37
C PHE A 281 -13.21 -8.82 -16.48
N ARG A 282 -14.12 -8.28 -17.27
CA ARG A 282 -14.16 -6.84 -17.47
C ARG A 282 -15.55 -6.28 -17.13
N THR A 283 -16.45 -7.15 -16.66
CA THR A 283 -17.82 -6.74 -16.36
C THR A 283 -17.93 -5.52 -15.40
N PHE A 284 -16.97 -5.37 -14.51
CA PHE A 284 -17.00 -4.36 -13.42
C PHE A 284 -16.81 -2.93 -13.82
N ASP A 285 -17.62 -2.05 -13.24
CA ASP A 285 -17.56 -0.62 -13.51
C ASP A 285 -17.09 0.11 -12.25
N LEU A 286 -16.10 0.97 -12.42
CA LEU A 286 -15.58 1.72 -11.28
C LEU A 286 -16.73 2.07 -10.40
N ASN A 287 -16.50 1.92 -9.12
CA ASN A 287 -17.47 2.26 -8.10
C ASN A 287 -17.08 3.47 -7.25
N PRO A 288 -17.95 4.48 -7.21
CA PRO A 288 -17.80 5.80 -6.60
C PRO A 288 -17.58 5.78 -5.07
N PHE A 289 -18.04 4.71 -4.42
CA PHE A 289 -18.06 4.63 -2.94
C PHE A 289 -16.82 3.99 -2.37
N SER A 290 -16.09 3.28 -3.21
CA SER A 290 -14.81 2.77 -2.79
C SER A 290 -13.72 3.56 -3.43
N PRO A 291 -12.87 4.16 -2.61
CA PRO A 291 -11.70 4.90 -3.06
C PRO A 291 -10.93 4.12 -4.11
N ILE A 292 -10.68 2.82 -3.89
CA ILE A 292 -9.92 2.01 -4.85
C ILE A 292 -10.74 1.73 -6.09
N GLY A 293 -12.07 1.81 -5.93
CA GLY A 293 -13.03 1.51 -6.97
C GLY A 293 -13.80 0.17 -6.83
N ILE A 294 -13.42 -0.65 -5.85
CA ILE A 294 -14.06 -1.93 -5.71
C ILE A 294 -13.95 -2.33 -4.27
N THR A 295 -14.88 -3.15 -3.80
CA THR A 295 -14.88 -3.57 -2.38
C THR A 295 -14.61 -5.06 -2.21
N GLN A 296 -14.09 -5.46 -1.05
CA GLN A 296 -13.74 -6.87 -0.81
C GLN A 296 -14.94 -7.75 -1.02
N GLU A 297 -16.04 -7.31 -0.46
CA GLU A 297 -17.28 -8.00 -0.52
C GLU A 297 -17.61 -8.18 -2.00
N THR A 298 -17.47 -7.11 -2.79
CA THR A 298 -17.68 -7.20 -4.23
C THR A 298 -16.75 -8.27 -4.82
N VAL A 299 -15.50 -8.25 -4.43
CA VAL A 299 -14.53 -9.18 -4.95
C VAL A 299 -14.83 -10.63 -4.55
N ASP A 300 -15.23 -10.90 -3.32
CA ASP A 300 -15.45 -12.27 -2.92
C ASP A 300 -16.80 -12.81 -3.33
N THR A 301 -17.75 -11.91 -3.45
CA THR A 301 -19.04 -12.28 -3.99
C THR A 301 -18.81 -12.79 -5.39
N VAL A 302 -18.15 -11.98 -6.20
CA VAL A 302 -17.91 -12.29 -7.59
C VAL A 302 -17.22 -13.60 -7.60
N HIS A 303 -16.36 -13.80 -6.61
CA HIS A 303 -15.64 -15.03 -6.54
C HIS A 303 -16.61 -16.19 -6.42
N LEU A 304 -17.49 -16.16 -5.43
CA LEU A 304 -18.40 -17.27 -5.28
C LEU A 304 -19.26 -17.37 -6.57
N PHE A 305 -19.61 -16.23 -7.14
CA PHE A 305 -20.40 -16.20 -8.35
C PHE A 305 -19.71 -16.93 -9.47
N LEU A 306 -18.44 -16.62 -9.69
CA LEU A 306 -17.68 -17.32 -10.70
C LEU A 306 -17.80 -18.79 -10.36
N LEU A 307 -17.71 -19.10 -9.08
CA LEU A 307 -17.69 -20.47 -8.62
C LEU A 307 -19.03 -21.15 -8.87
N ALA A 308 -20.11 -20.40 -8.73
CA ALA A 308 -21.41 -20.98 -8.92
C ALA A 308 -21.45 -21.58 -10.31
N LEU A 309 -20.89 -20.86 -11.28
CA LEU A 309 -20.96 -21.27 -12.65
C LEU A 309 -20.44 -22.68 -12.82
N LEU A 310 -19.29 -22.99 -12.25
CA LEU A 310 -18.78 -24.34 -12.35
C LEU A 310 -19.76 -25.38 -11.82
N TRP A 311 -20.31 -25.11 -10.66
CA TRP A 311 -21.28 -26.00 -10.10
C TRP A 311 -22.47 -26.07 -11.06
N ILE A 312 -22.94 -24.92 -11.54
CA ILE A 312 -24.08 -24.84 -12.44
C ILE A 312 -23.68 -25.14 -13.90
N ASP A 313 -22.69 -26.01 -14.09
CA ASP A 313 -22.23 -26.32 -15.44
C ASP A 313 -23.39 -26.82 -16.31
N SER A 316 -27.10 -27.18 -22.87
CA SER A 316 -27.87 -26.51 -23.92
C SER A 316 -26.98 -26.20 -25.11
N HIS A 317 -27.18 -25.03 -25.70
CA HIS A 317 -26.35 -24.61 -26.80
C HIS A 317 -25.67 -23.35 -26.38
N ILE A 318 -24.35 -23.39 -26.42
CA ILE A 318 -23.55 -22.28 -26.01
C ILE A 318 -23.93 -21.07 -26.87
N ASP A 319 -23.96 -21.26 -28.19
CA ASP A 319 -24.15 -20.13 -29.10
C ASP A 319 -25.48 -19.40 -28.86
N GLN A 320 -26.56 -20.18 -28.72
CA GLN A 320 -27.90 -19.60 -28.58
C GLN A 320 -28.08 -18.91 -27.24
N ASP A 321 -27.71 -19.60 -26.16
CA ASP A 321 -27.95 -19.11 -24.82
C ASP A 321 -27.14 -17.84 -24.54
N ILE A 322 -25.86 -17.84 -24.93
CA ILE A 322 -24.99 -16.68 -24.72
C ILE A 322 -25.55 -15.48 -25.51
N LYS A 323 -26.07 -15.77 -26.71
CA LYS A 323 -26.68 -14.75 -27.55
C LYS A 323 -27.94 -14.21 -26.87
N GLU A 324 -28.73 -15.13 -26.30
CA GLU A 324 -29.96 -14.77 -25.62
C GLU A 324 -29.67 -13.81 -24.44
N ALA A 325 -28.62 -14.11 -23.70
CA ALA A 325 -28.25 -13.37 -22.49
C ALA A 325 -27.87 -11.95 -22.81
N ASN A 326 -27.18 -11.74 -23.91
CA ASN A 326 -26.84 -10.39 -24.25
C ASN A 326 -28.09 -9.53 -24.28
N ARG A 327 -29.19 -10.11 -24.77
CA ARG A 327 -30.47 -9.39 -24.75
C ARG A 327 -30.81 -9.03 -23.29
N LEU A 328 -30.71 -10.03 -22.42
CA LEU A 328 -31.05 -9.85 -21.02
C LEU A 328 -30.08 -8.87 -20.35
N ASN A 329 -28.79 -9.06 -20.59
CA ASN A 329 -27.76 -8.25 -20.01
C ASN A 329 -27.94 -6.80 -20.43
N ASP A 330 -28.13 -6.59 -21.72
CA ASP A 330 -28.36 -5.26 -22.22
C ASP A 330 -29.61 -4.72 -21.57
N LEU A 331 -30.65 -5.54 -21.52
CA LEU A 331 -31.90 -5.13 -20.91
C LEU A 331 -31.63 -4.70 -19.44
N ILE A 332 -30.95 -5.56 -18.67
CA ILE A 332 -30.67 -5.24 -17.28
C ILE A 332 -29.83 -3.97 -17.22
N ALA A 333 -28.89 -3.84 -18.16
CA ALA A 333 -27.97 -2.71 -18.23
C ALA A 333 -28.72 -1.45 -18.58
N LEU A 334 -29.58 -1.55 -19.57
CA LEU A 334 -30.35 -0.41 -19.97
C LEU A 334 -31.40 -0.02 -18.95
N SER A 335 -31.94 -0.99 -18.22
CA SER A 335 -33.02 -0.73 -17.27
C SER A 335 -32.67 0.34 -16.23
N HIS A 336 -33.67 1.13 -15.85
CA HIS A 336 -33.53 2.15 -14.82
C HIS A 336 -33.09 1.53 -13.49
N PRO A 337 -32.23 2.23 -12.72
CA PRO A 337 -31.63 1.78 -11.45
C PRO A 337 -32.58 1.19 -10.39
N LEU A 338 -33.68 1.89 -10.11
CA LEU A 338 -34.66 1.40 -9.16
C LEU A 338 -35.47 0.19 -9.73
N GLU A 339 -35.57 0.09 -11.06
CA GLU A 339 -36.34 -0.98 -11.73
C GLU A 339 -35.80 -2.39 -11.48
N LYS A 340 -36.70 -3.28 -11.06
CA LYS A 340 -36.33 -4.64 -10.68
C LYS A 340 -35.90 -5.46 -11.87
N LEU A 341 -35.21 -6.57 -11.58
CA LEU A 341 -34.80 -7.55 -12.59
C LEU A 341 -36.00 -8.26 -13.20
N PRO A 342 -35.98 -8.48 -14.53
CA PRO A 342 -37.08 -9.14 -15.22
C PRO A 342 -37.40 -10.52 -14.69
N ASN A 343 -38.64 -10.91 -14.89
CA ASN A 343 -39.10 -12.23 -14.52
C ASN A 343 -38.34 -13.30 -15.31
N GLN A 344 -37.81 -12.89 -16.45
CA GLN A 344 -37.09 -13.79 -17.35
C GLN A 344 -35.80 -14.32 -16.73
N ALA A 345 -35.12 -13.52 -15.91
CA ALA A 345 -33.84 -13.91 -15.33
C ALA A 345 -33.94 -15.15 -14.47
N PRO A 346 -33.03 -16.12 -14.69
CA PRO A 346 -32.99 -17.35 -13.91
C PRO A 346 -32.26 -17.12 -12.61
N VAL A 347 -32.79 -16.22 -11.80
CA VAL A 347 -32.14 -15.83 -10.56
C VAL A 347 -32.04 -16.99 -9.58
N SER A 348 -33.10 -17.77 -9.47
CA SER A 348 -33.13 -18.87 -8.52
C SER A 348 -32.00 -19.86 -8.81
N ASP A 349 -31.58 -19.93 -10.06
CA ASP A 349 -30.55 -20.89 -10.43
C ASP A 349 -29.17 -20.48 -9.95
N LEU A 350 -28.88 -19.19 -10.07
CA LEU A 350 -27.60 -18.65 -9.63
C LEU A 350 -27.49 -18.64 -8.11
N VAL A 351 -28.53 -18.19 -7.43
CA VAL A 351 -28.56 -18.22 -5.98
C VAL A 351 -28.45 -19.63 -5.39
N ASP A 352 -29.27 -20.54 -5.88
CA ASP A 352 -29.24 -21.90 -5.37
C ASP A 352 -27.83 -22.43 -5.55
N ALA A 353 -27.24 -22.08 -6.67
CA ALA A 353 -25.95 -22.61 -7.02
C ALA A 353 -24.93 -22.13 -6.01
N MET A 354 -24.88 -20.83 -5.80
CA MET A 354 -23.93 -20.28 -4.86
C MET A 354 -24.18 -20.85 -3.49
N GLN A 355 -25.45 -20.88 -3.10
CA GLN A 355 -25.82 -21.46 -1.84
C GLN A 355 -25.26 -22.84 -1.82
N SER A 356 -25.62 -23.62 -2.82
CA SER A 356 -25.23 -25.01 -2.89
C SER A 356 -23.74 -25.14 -2.73
N VAL A 357 -22.98 -24.28 -3.40
CA VAL A 357 -21.53 -24.33 -3.33
C VAL A 357 -21.12 -24.20 -1.87
N ILE A 358 -21.60 -23.16 -1.20
CA ILE A 358 -21.26 -22.92 0.20
C ILE A 358 -21.61 -24.11 1.06
N GLN A 359 -22.85 -24.59 0.91
CA GLN A 359 -23.35 -25.70 1.71
C GLN A 359 -22.51 -26.94 1.44
N HIS A 360 -22.18 -27.18 0.18
CA HIS A 360 -21.47 -28.38 -0.20
C HIS A 360 -20.02 -28.40 0.27
N PHE A 361 -19.38 -27.22 0.34
CA PHE A 361 -17.95 -27.16 0.66
C PHE A 361 -17.61 -26.67 2.06
N ASN A 362 -18.63 -26.51 2.90
CA ASN A 362 -18.42 -26.06 4.29
C ASN A 362 -17.69 -24.72 4.29
N LEU A 363 -18.19 -23.76 3.52
CA LEU A 363 -17.55 -22.44 3.37
C LEU A 363 -17.84 -21.50 4.53
N SER A 364 -17.05 -20.45 4.64
CA SER A 364 -17.20 -19.48 5.75
C SER A 364 -18.54 -18.76 5.81
N PRO A 365 -19.02 -18.51 7.03
CA PRO A 365 -20.24 -17.74 7.22
C PRO A 365 -20.11 -16.41 6.53
N TYR A 366 -18.87 -15.99 6.28
CA TYR A 366 -18.62 -14.74 5.60
C TYR A 366 -19.19 -14.78 4.21
N TYR A 367 -19.04 -15.92 3.55
CA TYR A 367 -19.65 -16.11 2.23
C TYR A 367 -21.15 -16.24 2.35
N GLN A 368 -21.64 -16.74 3.48
CA GLN A 368 -23.09 -16.73 3.68
C GLN A 368 -23.57 -15.30 3.89
N ASP A 369 -22.74 -14.48 4.51
CA ASP A 369 -23.10 -13.09 4.70
C ASP A 369 -23.16 -12.37 3.35
N LEU A 370 -22.33 -12.75 2.38
CA LEU A 370 -22.30 -12.06 1.07
C LEU A 370 -23.48 -12.44 0.22
N LEU A 371 -23.88 -13.71 0.31
CA LEU A 371 -25.03 -14.17 -0.44
C LEU A 371 -26.25 -13.43 0.09
N GLU A 372 -26.42 -13.39 1.41
CA GLU A 372 -27.62 -12.78 1.95
C GLU A 372 -27.75 -11.32 1.52
N SER A 373 -26.62 -10.63 1.45
CA SER A 373 -26.65 -9.26 0.96
C SER A 373 -27.11 -9.28 -0.51
N VAL A 374 -26.61 -10.21 -1.30
CA VAL A 374 -27.04 -10.28 -2.69
C VAL A 374 -28.58 -10.39 -2.75
N LYS A 375 -29.15 -11.25 -1.90
CA LYS A 375 -30.59 -11.46 -1.87
C LYS A 375 -31.33 -10.19 -1.51
N ARG A 376 -30.82 -9.48 -0.51
CA ARG A 376 -31.47 -8.25 -0.08
C ARG A 376 -31.57 -7.21 -1.20
N GLN A 377 -30.55 -7.13 -2.05
CA GLN A 377 -30.57 -6.19 -3.19
C GLN A 377 -31.63 -6.59 -4.20
N ILE A 378 -31.78 -7.89 -4.37
CA ILE A 378 -32.87 -8.44 -5.16
C ILE A 378 -34.19 -8.02 -4.54
N GLN A 379 -34.27 -8.01 -3.20
CA GLN A 379 -35.49 -7.63 -2.51
C GLN A 379 -35.86 -6.16 -2.71
N SER A 380 -34.94 -5.24 -2.38
CA SER A 380 -35.14 -3.82 -2.67
C SER A 380 -33.92 -3.31 -3.42
N PRO A 381 -34.14 -2.84 -4.66
CA PRO A 381 -33.13 -2.36 -5.61
C PRO A 381 -32.27 -1.15 -5.20
N GLU A 382 -32.71 -0.31 -4.27
CA GLU A 382 -31.92 0.86 -3.91
C GLU A 382 -30.56 0.36 -3.47
N LEU A 383 -30.56 -0.79 -2.80
CA LEU A 383 -29.36 -1.42 -2.25
C LEU A 383 -28.26 -1.58 -3.28
N THR A 384 -28.64 -1.86 -4.50
CA THR A 384 -27.70 -2.04 -5.58
CA THR A 384 -27.69 -2.03 -5.58
C THR A 384 -26.85 -0.78 -5.70
N VAL A 385 -25.68 -0.92 -6.30
CA VAL A 385 -24.80 0.21 -6.43
C VAL A 385 -25.53 1.31 -7.14
N ALA A 386 -26.37 0.96 -8.10
CA ALA A 386 -27.13 1.96 -8.82
C ALA A 386 -28.02 2.79 -7.88
N GLY A 387 -28.70 2.16 -6.91
CA GLY A 387 -29.65 2.88 -6.05
C GLY A 387 -29.05 3.94 -5.15
N GLN A 388 -27.92 3.60 -4.54
CA GLN A 388 -27.16 4.59 -3.79
C GLN A 388 -26.87 5.69 -4.77
N LEU A 389 -26.52 5.27 -5.99
CA LEU A 389 -26.05 6.18 -6.99
C LEU A 389 -27.14 7.13 -7.48
N LEU A 390 -28.35 6.63 -7.65
CA LEU A 390 -29.40 7.45 -8.24
C LEU A 390 -29.58 8.78 -7.50
N GLU A 391 -29.65 8.73 -6.18
CA GLU A 391 -29.89 9.93 -5.42
C GLU A 391 -28.79 10.94 -5.68
N MET A 392 -27.58 10.46 -5.91
CA MET A 392 -26.45 11.36 -6.03
C MET A 392 -26.52 12.16 -7.32
N ILE A 393 -27.00 11.53 -8.39
CA ILE A 393 -27.07 12.17 -9.71
C ILE A 393 -28.08 13.29 -9.69
N GLU A 394 -27.71 14.42 -10.29
CA GLU A 394 -28.58 15.56 -10.29
C GLU A 394 -28.68 16.15 -11.68
N GLY A 395 -29.90 16.40 -12.10
CA GLY A 395 -30.11 16.86 -13.46
C GLY A 395 -29.49 15.91 -14.46
N LEU A 396 -29.60 14.61 -14.20
CA LEU A 396 -29.06 13.59 -15.08
C LEU A 396 -27.53 13.69 -15.23
N SER A 397 -26.90 14.43 -14.32
CA SER A 397 -25.45 14.57 -14.28
C SER A 397 -24.90 14.31 -12.88
N LEU A 398 -23.97 13.38 -12.81
CA LEU A 398 -23.31 13.05 -11.55
C LEU A 398 -22.00 13.80 -11.50
N GLU A 399 -21.82 14.74 -12.41
CA GLU A 399 -20.57 15.48 -12.47
C GLU A 399 -20.39 16.31 -11.20
N THR A 400 -21.48 16.75 -10.59
CA THR A 400 -21.32 17.47 -9.32
C THR A 400 -20.80 16.49 -8.28
N PHE A 401 -21.39 15.32 -8.30
CA PHE A 401 -21.05 14.27 -7.38
C PHE A 401 -19.64 13.78 -7.60
N GLY A 402 -19.26 13.53 -8.85
CA GLY A 402 -17.96 12.99 -9.20
C GLY A 402 -16.86 13.90 -8.70
N GLN A 403 -17.03 15.20 -8.90
CA GLN A 403 -16.07 16.15 -8.40
C GLN A 403 -15.99 15.96 -6.91
N ARG A 404 -17.16 15.88 -6.26
CA ARG A 404 -17.26 15.81 -4.81
C ARG A 404 -16.57 14.57 -4.23
N GLN A 405 -16.73 13.44 -4.91
CA GLN A 405 -16.12 12.20 -4.44
C GLN A 405 -14.62 12.19 -4.74
N GLY A 406 -14.24 12.52 -5.98
CA GLY A 406 -12.86 12.56 -6.41
C GLY A 406 -11.97 13.42 -5.53
N GLN A 407 -12.48 14.58 -5.14
CA GLN A 407 -11.71 15.44 -4.25
C GLN A 407 -11.62 14.77 -2.90
N ILE A 408 -12.75 14.26 -2.41
CA ILE A 408 -12.78 13.65 -1.10
C ILE A 408 -11.72 12.59 -1.01
N TYR A 409 -11.69 11.73 -2.02
CA TYR A 409 -10.77 10.60 -2.04
C TYR A 409 -9.36 11.09 -2.14
N HIS A 410 -9.16 12.17 -2.87
CA HIS A 410 -7.83 12.77 -2.99
C HIS A 410 -7.33 13.18 -1.61
N ASP A 411 -8.23 13.61 -0.74
CA ASP A 411 -7.80 14.03 0.56
C ASP A 411 -7.38 12.79 1.35
N TYR A 412 -8.12 11.71 1.13
CA TYR A 412 -7.81 10.43 1.75
C TYR A 412 -6.40 9.94 1.37
N ALA A 413 -6.03 10.14 0.11
CA ALA A 413 -4.73 9.68 -0.39
C ALA A 413 -3.61 10.39 0.36
N TRP A 414 -3.97 11.55 0.87
CA TRP A 414 -3.05 12.43 1.54
C TRP A 414 -3.32 12.39 3.01
N GLU A 415 -4.09 11.41 3.44
CA GLU A 415 -4.59 11.41 4.80
C GLU A 415 -3.52 11.05 5.80
N ALA A 416 -2.76 10.02 5.54
CA ALA A 416 -1.62 9.72 6.41
C ALA A 416 -0.48 9.49 5.48
N PRO A 417 0.19 10.59 5.11
CA PRO A 417 1.22 10.72 4.08
C PRO A 417 2.37 9.77 4.31
N TYR A 418 2.60 9.49 5.58
CA TYR A 418 3.64 8.59 6.01
C TYR A 418 3.26 7.14 5.83
N ALA A 419 1.99 6.81 6.04
CA ALA A 419 1.55 5.44 5.92
C ALA A 419 1.22 5.08 4.48
N LEU A 420 1.56 3.83 4.10
CA LEU A 420 1.15 3.23 2.84
C LEU A 420 -0.15 2.48 3.04
N LYS A 421 -1.23 2.90 2.37
CA LYS A 421 -2.55 2.40 2.71
C LYS A 421 -2.61 0.89 2.69
N GLY A 422 -1.99 0.28 1.71
CA GLY A 422 -1.97 -1.17 1.77
C GLY A 422 -1.40 -1.75 3.08
N TYR A 423 -0.40 -1.11 3.69
CA TYR A 423 0.47 -1.76 4.67
C TYR A 423 0.81 -1.00 5.94
N GLU A 424 -0.22 -0.52 6.62
CA GLU A 424 -0.04 0.28 7.82
C GLU A 424 0.37 -0.55 9.02
N THR A 425 0.39 -1.86 8.83
CA THR A 425 0.73 -2.81 9.87
C THR A 425 2.24 -2.85 10.05
N MET A 426 2.96 -2.51 8.98
CA MET A 426 4.38 -2.72 8.95
C MET A 426 5.13 -1.52 9.41
N GLU A 427 6.39 -1.72 9.78
CA GLU A 427 7.21 -0.63 10.27
C GLU A 427 7.18 0.60 9.33
N LEU A 428 7.00 1.76 9.92
CA LEU A 428 6.95 2.97 9.11
C LEU A 428 8.11 3.07 8.15
N SER A 429 9.31 2.75 8.58
CA SER A 429 10.45 2.82 7.69
C SER A 429 10.26 1.91 6.47
N THR A 430 9.61 0.80 6.64
CA THR A 430 9.51 -0.11 5.54
C THR A 430 8.43 0.40 4.65
N GLN A 431 7.38 0.94 5.25
CA GLN A 431 6.29 1.45 4.46
C GLN A 431 6.73 2.52 3.47
N LEU A 432 7.59 3.43 3.91
CA LEU A 432 8.10 4.48 3.03
C LEU A 432 8.89 3.88 1.89
N LEU A 433 9.79 3.00 2.24
CA LEU A 433 10.61 2.35 1.25
C LEU A 433 9.72 1.70 0.24
N LEU A 434 8.69 1.05 0.73
CA LEU A 434 7.76 0.34 -0.12
C LEU A 434 7.10 1.30 -1.06
N PHE A 435 6.79 2.51 -0.56
CA PHE A 435 6.18 3.58 -1.34
C PHE A 435 7.07 3.96 -2.51
N ASP A 436 8.32 4.27 -2.21
CA ASP A 436 9.30 4.55 -3.24
C ASP A 436 9.35 3.42 -4.30
N VAL A 437 9.32 2.18 -3.84
CA VAL A 437 9.35 1.04 -4.72
C VAL A 437 8.16 1.04 -5.67
N ILE A 438 6.99 1.31 -5.14
CA ILE A 438 5.79 1.28 -5.94
C ILE A 438 5.76 2.43 -6.93
N GLN A 439 6.09 3.65 -6.51
CA GLN A 439 6.07 4.76 -7.43
C GLN A 439 7.19 4.65 -8.45
N LYS A 440 8.36 4.21 -8.02
CA LYS A 440 9.49 4.18 -8.94
C LYS A 440 9.46 2.93 -9.80
N GLY A 441 8.49 2.05 -9.61
CA GLY A 441 8.26 0.96 -10.55
C GLY A 441 9.07 -0.30 -10.35
N VAL A 442 9.78 -0.39 -9.22
CA VAL A 442 10.49 -1.61 -8.91
C VAL A 442 9.45 -2.67 -8.61
N ASN A 443 9.77 -3.92 -8.94
CA ASN A 443 8.93 -5.09 -8.73
C ASN A 443 9.23 -5.59 -7.36
N PHE A 444 8.25 -6.09 -6.60
CA PHE A 444 8.58 -6.49 -5.23
C PHE A 444 7.71 -7.60 -4.70
N GLU A 445 8.27 -8.31 -3.72
CA GLU A 445 7.54 -9.30 -2.94
C GLU A 445 7.86 -8.96 -1.53
N VAL A 446 6.83 -8.87 -0.70
CA VAL A 446 7.04 -8.91 0.73
C VAL A 446 7.23 -10.40 1.11
N LEU A 447 8.46 -10.82 1.31
CA LEU A 447 8.70 -12.21 1.61
C LEU A 447 8.12 -12.53 2.96
N ASP A 448 8.33 -11.69 3.96
CA ASP A 448 7.82 -12.00 5.30
C ASP A 448 6.79 -11.11 5.91
N GLU A 449 6.97 -9.82 5.72
CA GLU A 449 6.01 -8.83 6.26
C GLU A 449 6.22 -8.62 7.72
N GLN A 450 6.16 -9.73 8.46
CA GLN A 450 6.31 -9.69 9.89
C GLN A 450 7.72 -9.27 10.19
N ASP A 451 8.65 -9.76 9.38
CA ASP A 451 10.06 -9.47 9.58
C ASP A 451 10.51 -8.30 8.74
N GLN A 452 9.58 -7.68 8.04
CA GLN A 452 9.95 -6.54 7.26
C GLN A 452 10.91 -6.99 6.20
N PHE A 453 10.71 -8.18 5.68
CA PHE A 453 11.62 -8.70 4.66
C PHE A 453 11.08 -8.55 3.25
N LEU A 454 11.86 -7.90 2.41
CA LEU A 454 11.41 -7.62 1.06
C LEU A 454 12.31 -8.21 0.00
N LYS A 455 11.73 -8.76 -1.05
CA LYS A 455 12.50 -9.00 -2.26
C LYS A 455 12.08 -8.04 -3.32
N LEU A 456 12.99 -7.25 -3.82
CA LEU A 456 12.61 -6.41 -4.92
C LEU A 456 13.63 -6.47 -6.06
N TRP A 457 13.14 -6.25 -7.27
CA TRP A 457 13.97 -6.45 -8.44
C TRP A 457 13.50 -5.61 -9.63
N HIS A 458 14.47 -5.31 -10.48
CA HIS A 458 14.21 -4.71 -11.76
C HIS A 458 14.86 -5.57 -12.83
N ASN A 459 14.02 -6.26 -13.60
CA ASN A 459 14.58 -7.12 -14.62
C ASN A 459 15.41 -8.23 -14.01
N SER A 460 16.65 -8.36 -14.49
CA SER A 460 17.53 -9.41 -14.05
C SER A 460 18.03 -9.14 -12.62
N HIS A 461 18.14 -7.86 -12.26
CA HIS A 461 18.72 -7.41 -10.98
C HIS A 461 17.84 -7.56 -9.74
N ILE A 462 18.31 -8.17 -8.67
CA ILE A 462 17.44 -8.41 -7.49
C ILE A 462 18.12 -7.99 -6.20
N GLU A 463 17.36 -7.36 -5.32
CA GLU A 463 17.90 -6.90 -4.05
C GLU A 463 16.98 -7.30 -2.89
N TYR A 464 17.61 -7.83 -1.85
CA TYR A 464 16.89 -8.29 -0.68
C TYR A 464 17.15 -7.28 0.36
N VAL A 465 16.10 -6.61 0.84
CA VAL A 465 16.26 -5.66 1.94
C VAL A 465 15.36 -6.02 3.13
N LYS A 466 15.91 -5.87 4.32
CA LYS A 466 15.17 -6.15 5.52
C LYS A 466 15.11 -4.92 6.40
N ASN A 467 13.93 -4.67 6.95
CA ASN A 467 13.75 -3.57 7.87
C ASN A 467 14.21 -2.26 7.24
N GLY A 468 13.86 -2.03 5.98
CA GLY A 468 14.14 -0.76 5.39
C GLY A 468 15.55 -0.45 4.90
N ASN A 469 16.57 -0.70 5.71
CA ASN A 469 17.91 -0.30 5.35
C ASN A 469 18.96 -1.42 5.51
N MET A 470 18.51 -2.66 5.59
CA MET A 470 19.46 -3.78 5.59
C MET A 470 19.66 -4.42 4.22
N THR A 471 20.82 -4.18 3.62
CA THR A 471 21.06 -4.37 2.18
C THR A 471 22.40 -4.99 1.89
N SER A 472 22.62 -5.37 0.64
CA SER A 472 23.89 -5.96 0.23
C SER A 472 25.03 -5.00 0.32
N LYS A 473 24.72 -3.72 0.36
CA LYS A 473 25.76 -2.72 0.32
C LYS A 473 26.49 -2.68 1.66
N ASP A 474 25.81 -3.07 2.72
CA ASP A 474 26.45 -3.01 4.02
C ASP A 474 27.45 -4.15 4.03
N ASN A 475 28.65 -3.85 4.50
CA ASN A 475 29.70 -4.84 4.65
C ASN A 475 29.33 -5.95 5.61
N TYR A 476 29.96 -7.12 5.49
CA TYR A 476 29.51 -8.31 6.20
C TYR A 476 29.58 -8.15 7.73
N ILE A 477 30.51 -7.35 8.24
CA ILE A 477 30.64 -7.30 9.69
C ILE A 477 29.39 -6.70 10.33
N VAL A 478 28.68 -5.86 9.61
CA VAL A 478 27.56 -5.16 10.20
C VAL A 478 26.47 -6.13 10.68
N PRO A 479 26.00 -7.02 9.81
CA PRO A 479 24.99 -7.98 10.22
C PRO A 479 25.48 -8.88 11.37
N LEU A 480 26.78 -9.15 11.33
CA LEU A 480 27.47 -9.95 12.32
C LEU A 480 27.50 -9.24 13.66
N ALA A 481 27.75 -7.94 13.64
CA ALA A 481 27.96 -7.20 14.88
C ALA A 481 26.75 -6.39 15.26
N MET A 482 25.67 -6.55 14.53
CA MET A 482 24.57 -5.63 14.66
C MET A 482 23.99 -5.65 16.06
N ALA A 483 23.80 -6.84 16.58
CA ALA A 483 23.29 -6.97 17.92
C ALA A 483 24.30 -6.42 18.95
N ASN A 484 25.59 -6.59 18.67
CA ASN A 484 26.60 -6.52 19.71
C ASN A 484 26.80 -5.18 20.44
N LYS A 485 27.07 -4.11 19.74
CA LYS A 485 27.33 -2.84 20.46
C LYS A 485 28.70 -2.84 21.09
N VAL A 486 28.97 -3.81 21.95
CA VAL A 486 30.27 -3.97 22.60
C VAL A 486 31.37 -4.27 21.61
N VAL A 487 31.06 -5.10 20.64
CA VAL A 487 32.00 -5.41 19.58
C VAL A 487 32.25 -4.16 18.72
N THR A 488 31.18 -3.48 18.33
CA THR A 488 31.31 -2.32 17.47
C THR A 488 32.25 -1.32 18.10
N LYS A 489 32.17 -1.22 19.42
CA LYS A 489 33.01 -0.28 20.12
C LYS A 489 34.46 -0.64 19.80
N LYS A 490 34.77 -1.93 19.83
CA LYS A 490 36.16 -2.38 19.73
C LYS A 490 36.78 -2.03 18.39
N ILE A 491 36.12 -2.37 17.29
CA ILE A 491 36.72 -2.08 16.01
C ILE A 491 36.83 -0.54 15.92
N LEU A 492 35.81 0.19 16.35
CA LEU A 492 35.93 1.63 16.45
C LEU A 492 37.11 2.08 17.32
N ASP A 493 37.16 1.62 18.55
CA ASP A 493 38.28 1.96 19.39
C ASP A 493 39.59 1.62 18.70
N GLU A 494 39.67 0.49 18.00
CA GLU A 494 40.92 0.13 17.34
C GLU A 494 41.26 1.12 16.23
N LYS A 495 40.24 1.81 15.73
CA LYS A 495 40.41 2.81 14.69
C LYS A 495 40.61 4.18 15.29
N HIS A 496 40.93 4.25 16.58
CA HIS A 496 41.26 5.51 17.18
C HIS A 496 40.06 6.45 17.07
N PHE A 497 38.86 6.00 17.42
CA PHE A 497 37.70 6.88 17.36
C PHE A 497 37.18 7.10 18.78
N PRO A 498 36.60 8.28 19.06
CA PRO A 498 36.13 8.68 20.38
C PRO A 498 35.04 7.75 20.91
N THR A 499 35.29 7.21 22.09
CA THR A 499 34.41 6.21 22.67
C THR A 499 34.31 6.46 24.16
N PRO A 500 33.20 6.02 24.76
CA PRO A 500 32.97 5.94 26.20
C PRO A 500 33.69 4.71 26.75
N PHE A 501 33.82 4.64 28.06
CA PHE A 501 34.69 3.65 28.65
C PHE A 501 33.97 2.43 29.22
N GLY A 502 32.66 2.37 29.04
CA GLY A 502 31.84 1.34 29.67
C GLY A 502 31.90 -0.10 29.20
N ASP A 503 31.79 -1.01 30.17
CA ASP A 503 31.70 -2.44 29.92
C ASP A 503 30.51 -3.03 30.67
N GLU A 504 29.67 -3.78 29.97
CA GLU A 504 28.58 -4.49 30.63
C GLU A 504 29.06 -5.69 31.45
N PHE A 505 28.39 -5.92 32.58
CA PHE A 505 28.65 -7.06 33.45
C PHE A 505 27.35 -7.90 33.58
N THR A 506 27.48 -9.22 33.56
CA THR A 506 26.28 -10.06 33.59
C THR A 506 26.11 -10.83 34.89
N ASP A 507 24.91 -10.77 35.45
CA ASP A 507 24.58 -11.51 36.67
C ASP A 507 25.25 -10.92 37.90
N ARG A 508 25.68 -9.66 37.82
CA ARG A 508 26.37 -9.03 38.94
C ARG A 508 27.71 -9.70 39.20
N LYS A 509 28.29 -10.27 38.16
CA LYS A 509 29.54 -11.02 38.32
C LYS A 509 30.70 -10.04 38.46
N GLU A 510 31.10 -9.82 39.71
CA GLU A 510 32.21 -8.94 40.02
C GLU A 510 31.99 -7.55 39.48
N ALA A 511 30.74 -7.10 39.46
CA ALA A 511 30.44 -5.76 39.01
C ALA A 511 31.24 -4.81 39.87
N LEU A 512 31.35 -5.13 41.16
CA LEU A 512 32.07 -4.28 42.07
C LEU A 512 33.50 -4.13 41.61
N ASN A 513 34.08 -5.22 41.11
CA ASN A 513 35.44 -5.17 40.63
C ASN A 513 35.50 -4.08 39.59
N TYR A 514 34.46 -4.01 38.77
CA TYR A 514 34.37 -2.94 37.79
C TYR A 514 34.28 -1.64 38.57
N PHE A 515 33.44 -1.60 39.61
CA PHE A 515 33.27 -0.38 40.39
C PHE A 515 34.61 0.10 40.90
N SER A 516 35.46 -0.84 41.23
CA SER A 516 36.81 -0.53 41.58
C SER A 516 37.48 0.15 40.38
N GLN A 517 37.23 -0.42 39.21
CA GLN A 517 37.82 0.07 37.98
C GLN A 517 37.44 1.52 37.74
N ILE A 518 36.16 1.85 37.94
CA ILE A 518 35.67 3.21 37.77
C ILE A 518 34.90 3.71 38.99
N GLN A 519 35.45 4.71 39.68
CA GLN A 519 34.84 5.24 40.89
C GLN A 519 34.68 6.76 40.84
N ASP A 520 35.80 7.48 40.82
CA ASP A 520 35.73 8.94 40.77
C ASP A 520 34.93 9.40 39.56
N LYS A 521 35.12 8.71 38.45
CA LYS A 521 34.51 9.06 37.16
C LYS A 521 32.98 9.04 37.20
N PRO A 522 32.36 10.04 36.56
CA PRO A 522 30.91 10.04 36.53
C PRO A 522 30.50 8.76 35.83
N ILE A 523 29.46 8.11 36.31
CA ILE A 523 29.05 6.83 35.78
C ILE A 523 27.58 6.84 35.36
N VAL A 524 27.26 6.04 34.37
CA VAL A 524 25.89 5.78 34.01
C VAL A 524 25.66 4.28 34.10
N VAL A 525 24.61 3.86 34.83
CA VAL A 525 24.27 2.44 34.96
C VAL A 525 22.88 2.13 34.42
N LYS A 526 22.74 1.10 33.58
CA LYS A 526 21.49 0.88 32.87
C LYS A 526 21.42 -0.54 32.37
N PRO A 527 20.21 -1.12 32.32
CA PRO A 527 20.00 -2.45 31.73
C PRO A 527 20.22 -2.40 30.22
N LYS A 528 20.58 -3.52 29.61
CA LYS A 528 20.91 -3.54 28.20
C LYS A 528 19.70 -3.13 27.39
N SER A 529 18.50 -3.51 27.83
CA SER A 529 17.28 -3.24 27.09
C SER A 529 17.08 -1.73 26.85
N THR A 530 17.36 -0.91 27.87
CA THR A 530 17.38 0.54 27.74
C THR A 530 16.06 1.12 27.20
N ASN A 531 14.98 0.92 27.94
CA ASN A 531 13.70 1.52 27.59
C ASN A 531 13.71 3.02 27.92
N PHE A 532 12.54 3.63 28.17
CA PHE A 532 12.51 5.07 28.49
C PHE A 532 13.50 5.33 29.58
N GLY A 533 13.67 4.33 30.44
CA GLY A 533 14.54 4.47 31.59
C GLY A 533 13.76 4.19 32.86
N LEU A 534 12.79 3.30 32.74
CA LEU A 534 12.06 2.85 33.89
C LEU A 534 13.07 2.27 34.89
N GLY A 535 14.19 1.76 34.36
CA GLY A 535 15.20 1.13 35.20
C GLY A 535 16.62 1.70 35.11
N ILE A 536 16.80 2.76 34.29
CA ILE A 536 18.12 3.41 34.13
C ILE A 536 18.55 4.27 35.34
N SER A 537 19.79 4.08 35.81
CA SER A 537 20.32 4.86 36.94
C SER A 537 21.55 5.66 36.49
N ILE A 538 21.49 6.97 36.61
CA ILE A 538 22.53 7.88 36.11
C ILE A 538 23.13 8.68 37.23
N PHE A 539 24.45 8.64 37.36
CA PHE A 539 25.10 9.38 38.41
C PHE A 539 26.20 10.24 37.79
N LYS A 540 25.93 11.54 37.59
CA LYS A 540 26.98 12.50 37.20
C LYS A 540 28.00 12.56 38.28
N THR A 541 27.47 12.51 39.49
CA THR A 541 28.22 12.37 40.70
C THR A 541 28.90 11.00 40.71
N SER A 542 30.12 10.93 41.20
CA SER A 542 30.77 9.64 41.37
C SER A 542 29.83 8.79 42.24
N ALA A 543 29.64 7.53 41.87
CA ALA A 543 28.77 6.65 42.63
C ALA A 543 29.46 6.22 43.95
N ASN A 544 28.70 6.29 45.05
CA ASN A 544 29.13 5.70 46.32
C ASN A 544 28.96 4.18 46.19
N LEU A 545 29.74 3.40 46.94
CA LEU A 545 29.69 1.95 46.76
C LEU A 545 28.29 1.40 47.02
N ALA A 546 27.63 1.91 48.05
CA ALA A 546 26.28 1.48 48.38
C ALA A 546 25.33 1.92 47.27
N SER A 547 25.48 3.18 46.87
CA SER A 547 24.61 3.77 45.87
C SER A 547 24.74 2.98 44.60
N TYR A 548 25.96 2.58 44.29
CA TYR A 548 26.28 1.89 43.06
C TYR A 548 25.60 0.51 43.08
N GLU A 549 25.58 -0.13 44.23
CA GLU A 549 25.00 -1.48 44.33
C GLU A 549 23.51 -1.46 44.02
N LYS A 550 22.82 -0.49 44.61
CA LYS A 550 21.38 -0.35 44.40
C LYS A 550 21.10 -0.07 42.90
N ALA A 551 21.89 0.81 42.27
CA ALA A 551 21.71 1.13 40.87
C ALA A 551 21.88 -0.13 40.05
N ILE A 552 22.87 -0.94 40.41
CA ILE A 552 23.13 -2.19 39.69
C ILE A 552 21.92 -3.07 39.80
N ASP A 553 21.42 -3.21 41.01
CA ASP A 553 20.32 -4.12 41.29
C ASP A 553 19.00 -3.74 40.64
N ILE A 554 18.72 -2.45 40.52
CA ILE A 554 17.53 -1.99 39.82
C ILE A 554 17.59 -2.44 38.38
N ALA A 555 18.80 -2.37 37.80
CA ALA A 555 19.02 -2.76 36.41
C ALA A 555 18.59 -4.20 36.26
N PHE A 556 18.99 -5.04 37.21
CA PHE A 556 18.65 -6.46 37.16
C PHE A 556 17.16 -6.71 37.33
N THR A 557 16.53 -5.97 38.23
CA THR A 557 15.07 -5.99 38.36
C THR A 557 14.41 -5.69 37.00
N GLU A 558 14.88 -4.66 36.30
CA GLU A 558 14.36 -4.27 34.97
C GLU A 558 14.75 -5.22 33.83
N ASP A 559 15.98 -5.75 33.83
CA ASP A 559 16.42 -6.65 32.76
C ASP A 559 17.61 -7.57 33.17
N SER A 560 17.86 -8.59 32.35
CA SER A 560 18.85 -9.64 32.64
C SER A 560 20.32 -9.19 32.61
N ALA A 561 20.67 -8.34 31.67
CA ALA A 561 22.04 -7.87 31.53
C ALA A 561 22.17 -6.41 31.96
N ILE A 562 23.13 -6.13 32.84
CA ILE A 562 23.35 -4.76 33.29
C ILE A 562 24.50 -4.13 32.47
N LEU A 563 24.30 -2.90 31.99
CA LEU A 563 25.30 -2.13 31.25
C LEU A 563 25.86 -1.02 32.12
N VAL A 564 27.17 -0.89 32.17
CA VAL A 564 27.74 0.24 32.90
C VAL A 564 28.70 1.05 32.04
N GLU A 565 28.45 2.34 31.96
CA GLU A 565 29.20 3.17 31.03
C GLU A 565 29.64 4.45 31.67
N GLU A 566 30.60 5.08 31.02
CA GLU A 566 31.06 6.41 31.38
C GLU A 566 30.01 7.44 31.07
N TYR A 567 29.95 8.47 31.87
CA TYR A 567 29.00 9.50 31.60
C TYR A 567 29.72 10.60 30.87
N ILE A 568 29.15 11.02 29.73
CA ILE A 568 29.72 12.13 28.99
C ILE A 568 28.67 13.22 28.91
N GLU A 569 29.00 14.45 29.31
CA GLU A 569 27.99 15.51 29.37
C GLU A 569 27.96 16.15 28.05
N GLY A 570 26.76 16.23 27.49
CA GLY A 570 26.57 16.78 26.16
C GLY A 570 25.15 16.53 25.77
N THR A 571 24.78 16.97 24.58
CA THR A 571 23.46 16.74 24.05
C THR A 571 23.53 15.69 22.96
N GLU A 572 22.61 14.74 23.00
CA GLU A 572 22.64 13.60 22.10
C GLU A 572 21.97 13.87 20.76
N TYR A 573 22.64 13.52 19.68
CA TYR A 573 22.11 13.79 18.36
C TYR A 573 22.24 12.53 17.52
N ARG A 574 21.26 12.31 16.66
CA ARG A 574 21.32 11.22 15.70
C ARG A 574 21.72 11.63 14.28
N PHE A 575 22.89 11.21 13.83
CA PHE A 575 23.26 11.34 12.42
C PHE A 575 22.92 10.12 11.55
N PHE A 576 22.18 10.35 10.47
CA PHE A 576 21.92 9.30 9.47
C PHE A 576 22.99 9.34 8.39
N VAL A 577 23.82 8.31 8.27
CA VAL A 577 24.79 8.29 7.16
C VAL A 577 24.40 7.32 6.03
N LEU A 578 24.48 7.78 4.78
CA LEU A 578 24.17 6.97 3.60
C LEU A 578 25.35 7.00 2.68
N GLU A 579 25.73 5.84 2.15
CA GLU A 579 26.97 5.76 1.42
C GLU A 579 28.01 6.40 2.31
N GLY A 580 28.73 7.39 1.83
CA GLY A 580 29.69 8.04 2.68
C GLY A 580 29.28 9.36 3.34
N ASP A 581 28.07 9.85 3.07
CA ASP A 581 27.67 11.20 3.48
C ASP A 581 26.53 11.24 4.49
N CYS A 582 26.74 11.89 5.63
CA CYS A 582 25.67 12.10 6.58
C CYS A 582 24.50 12.84 5.87
N ILE A 583 23.33 12.19 5.65
CA ILE A 583 22.20 12.84 4.96
C ILE A 583 21.23 13.61 5.83
N ALA A 584 21.33 13.50 7.15
CA ALA A 584 20.48 14.27 8.06
C ALA A 584 20.99 14.15 9.49
N VAL A 585 20.37 14.94 10.36
CA VAL A 585 20.74 15.01 11.76
C VAL A 585 19.51 15.42 12.54
N LEU A 586 19.35 14.82 13.71
CA LEU A 586 18.17 14.96 14.51
C LEU A 586 18.41 15.09 15.99
N LEU A 587 17.67 15.99 16.64
CA LEU A 587 17.69 16.08 18.09
C LEU A 587 16.37 15.57 18.66
N ARG A 588 16.44 14.92 19.80
CA ARG A 588 15.23 14.42 20.43
C ARG A 588 15.16 14.95 21.85
N VAL A 589 13.98 15.43 22.25
CA VAL A 589 13.76 15.94 23.61
C VAL A 589 12.55 15.30 24.31
N ALA A 590 12.61 15.21 25.63
CA ALA A 590 11.54 14.61 26.44
C ALA A 590 10.24 15.32 26.17
N ALA A 591 9.15 14.57 26.21
CA ALA A 591 7.85 15.13 25.90
C ALA A 591 7.67 16.34 26.79
N ASN A 592 7.07 17.41 26.25
CA ASN A 592 6.86 18.63 27.03
C ASN A 592 5.74 19.49 26.47
N VAL A 593 5.27 20.47 27.24
CA VAL A 593 4.44 21.52 26.68
C VAL A 593 4.83 22.89 27.24
N VAL A 594 4.65 23.94 26.43
CA VAL A 594 5.01 25.28 26.87
C VAL A 594 3.77 26.04 27.36
N GLY A 595 3.89 26.74 28.47
CA GLY A 595 2.76 27.41 29.11
C GLY A 595 2.17 28.56 28.32
N ASP A 596 0.85 28.59 28.26
CA ASP A 596 0.12 29.70 27.68
C ASP A 596 -0.73 30.12 28.84
N GLY A 597 -0.80 31.42 29.11
CA GLY A 597 -1.49 31.89 30.29
C GLY A 597 -2.81 31.17 30.43
N ILE A 598 -3.44 30.94 29.29
CA ILE A 598 -4.81 30.47 29.28
C ILE A 598 -5.00 29.03 29.78
N HIS A 599 -4.09 28.12 29.45
CA HIS A 599 -4.49 26.71 29.46
C HIS A 599 -3.91 25.85 30.54
N THR A 600 -4.76 24.97 31.06
CA THR A 600 -4.37 23.97 32.05
C THR A 600 -3.43 23.06 31.36
N ILE A 601 -2.56 22.39 32.08
CA ILE A 601 -1.61 21.52 31.42
C ILE A 601 -2.33 20.45 30.61
N SER A 602 -3.38 19.88 31.20
CA SER A 602 -4.20 18.85 30.55
C SER A 602 -4.65 19.36 29.18
N GLN A 603 -4.95 20.64 29.13
CA GLN A 603 -5.39 21.27 27.90
C GLN A 603 -4.25 21.37 26.92
N LEU A 604 -3.09 21.74 27.42
CA LEU A 604 -1.96 22.04 26.57
C LEU A 604 -1.59 20.80 25.85
N VAL A 605 -1.65 19.70 26.59
CA VAL A 605 -1.37 18.41 26.05
C VAL A 605 -2.37 18.09 24.96
N LYS A 606 -3.65 18.08 25.31
CA LYS A 606 -4.70 17.76 24.35
C LYS A 606 -4.50 18.50 23.04
N LEU A 607 -4.09 19.75 23.17
CA LEU A 607 -3.83 20.64 22.04
C LEU A 607 -2.63 20.19 21.20
N LYS A 608 -1.55 19.75 21.86
CA LYS A 608 -0.37 19.28 21.15
C LYS A 608 -0.67 17.96 20.50
N ASN A 609 -1.55 17.19 21.13
CA ASN A 609 -1.91 15.88 20.58
C ASN A 609 -2.76 16.03 19.35
N GLN A 610 -3.30 17.23 19.14
CA GLN A 610 -4.11 17.50 17.96
C GLN A 610 -3.26 17.41 16.66
N ASN A 611 -1.95 17.34 16.83
CA ASN A 611 -1.09 17.12 15.70
C ASN A 611 -1.37 15.80 14.98
N PRO A 612 -1.45 15.87 13.65
CA PRO A 612 -1.78 14.72 12.82
C PRO A 612 -0.68 13.68 12.85
N LEU A 613 0.55 14.11 13.13
CA LEU A 613 1.68 13.20 13.15
C LEU A 613 1.66 12.33 14.40
N ARG A 614 1.02 12.83 15.46
CA ARG A 614 0.90 12.04 16.67
C ARG A 614 -0.20 11.06 16.44
N GLY A 615 0.06 9.78 16.63
CA GLY A 615 -0.96 8.81 16.31
C GLY A 615 -1.33 7.93 17.47
N TYR A 616 -2.64 7.84 17.74
CA TYR A 616 -3.11 6.95 18.79
C TYR A 616 -3.72 5.69 18.20
N ASP A 617 -4.62 5.86 17.22
CA ASP A 617 -5.26 4.72 16.56
C ASP A 617 -4.28 3.92 15.68
N HIS A 618 -3.43 4.63 14.95
CA HIS A 618 -2.49 4.02 14.00
C HIS A 618 -1.06 4.47 14.34
N ARG A 619 -0.06 3.63 14.07
CA ARG A 619 1.31 4.03 14.39
C ARG A 619 1.76 5.08 13.43
N SER A 620 2.58 6.00 13.93
CA SER A 620 2.86 7.21 13.23
C SER A 620 4.22 7.77 13.64
N PRO A 621 4.67 8.83 12.95
CA PRO A 621 5.97 9.45 13.26
C PRO A 621 6.08 9.97 14.68
N LEU A 622 4.99 10.48 15.23
CA LEU A 622 4.98 10.93 16.62
C LEU A 622 3.89 10.20 17.42
N GLU A 623 4.13 10.06 18.72
CA GLU A 623 3.23 9.37 19.63
C GLU A 623 2.47 10.39 20.43
N VAL A 624 1.22 10.10 20.76
CA VAL A 624 0.42 11.01 21.58
C VAL A 624 0.94 11.05 23.00
N ILE A 625 0.87 12.23 23.60
CA ILE A 625 1.26 12.48 25.00
C ILE A 625 0.13 12.03 25.98
N GLU A 626 0.42 11.15 26.93
CA GLU A 626 -0.59 10.79 27.93
CA GLU A 626 -0.56 10.77 27.93
C GLU A 626 -0.09 11.16 29.32
N LEU A 627 -0.94 11.88 30.04
CA LEU A 627 -0.61 12.40 31.34
C LEU A 627 -0.72 11.23 32.27
N GLY A 628 0.23 10.32 32.10
CA GLY A 628 0.32 9.06 32.82
C GLY A 628 0.80 9.22 34.24
N GLU A 629 0.91 8.13 34.96
CA GLU A 629 1.30 8.24 36.34
C GLU A 629 2.72 8.78 36.33
N VAL A 630 3.54 8.23 35.44
CA VAL A 630 4.93 8.62 35.42
C VAL A 630 5.04 10.09 35.15
N GLU A 631 4.21 10.54 34.23
CA GLU A 631 4.14 11.93 33.84
C GLU A 631 3.64 12.83 34.97
N GLN A 632 2.56 12.43 35.65
CA GLN A 632 1.97 13.30 36.68
C GLN A 632 3.02 13.59 37.69
N LEU A 633 3.77 12.58 38.07
CA LEU A 633 4.77 12.76 39.08
C LEU A 633 5.77 13.76 38.61
N MET A 634 6.15 13.68 37.35
CA MET A 634 7.10 14.63 36.81
C MET A 634 6.51 16.01 36.95
N LEU A 635 5.21 16.10 36.69
CA LEU A 635 4.49 17.34 36.85
C LEU A 635 4.55 17.87 38.28
N GLU A 636 4.22 17.02 39.23
CA GLU A 636 4.20 17.40 40.63
C GLU A 636 5.59 17.81 41.06
N GLN A 637 6.57 17.15 40.47
CA GLN A 637 7.96 17.35 40.84
CA GLN A 637 7.95 17.36 40.83
C GLN A 637 8.46 18.72 40.36
N GLN A 638 7.99 19.16 39.20
CA GLN A 638 8.21 20.54 38.76
C GLN A 638 7.36 21.48 39.61
N GLY A 639 6.55 20.89 40.47
CA GLY A 639 5.67 21.61 41.37
C GLY A 639 4.33 21.97 40.75
N TYR A 640 4.17 21.69 39.47
CA TYR A 640 2.91 21.94 38.78
C TYR A 640 2.02 20.71 38.95
N THR A 641 0.90 20.69 38.23
CA THR A 641 -0.07 19.60 38.33
C THR A 641 -0.92 19.55 37.08
N VAL A 642 -1.51 18.40 36.79
CA VAL A 642 -2.23 18.25 35.54
C VAL A 642 -3.14 19.41 35.33
N ASN A 643 -3.74 19.83 36.43
CA ASN A 643 -4.68 20.92 36.42
C ASN A 643 -4.04 22.29 36.41
N SER A 644 -2.91 22.45 37.09
CA SER A 644 -2.36 23.78 37.21
C SER A 644 -2.17 24.46 35.83
N ILE A 645 -2.18 25.78 35.83
CA ILE A 645 -1.95 26.54 34.62
C ILE A 645 -0.57 27.17 34.68
N PRO A 646 0.31 26.80 33.75
CA PRO A 646 1.69 27.27 33.71
C PRO A 646 1.82 28.66 33.12
N PRO A 647 2.91 29.34 33.48
CA PRO A 647 3.29 30.64 32.95
C PRO A 647 3.64 30.62 31.47
N GLU A 648 3.47 31.77 30.83
CA GLU A 648 3.83 31.95 29.45
C GLU A 648 5.27 31.56 29.21
N GLY A 649 5.49 30.73 28.19
CA GLY A 649 6.82 30.41 27.73
C GLY A 649 7.55 29.52 28.71
N THR A 650 6.82 28.98 29.66
CA THR A 650 7.42 28.12 30.67
C THR A 650 7.33 26.68 30.20
N LYS A 651 8.45 26.05 29.94
CA LYS A 651 8.38 24.72 29.39
C LYS A 651 8.28 23.80 30.59
N ILE A 652 7.22 22.99 30.57
CA ILE A 652 6.94 21.93 31.53
C ILE A 652 7.30 20.59 30.89
N GLU A 653 7.93 19.69 31.63
CA GLU A 653 8.50 18.51 31.01
C GLU A 653 7.74 17.35 31.54
N LEU A 654 7.22 16.53 30.64
CA LEU A 654 6.36 15.45 31.05
C LEU A 654 7.14 14.20 31.35
N ARG A 655 8.16 13.93 30.56
CA ARG A 655 8.93 12.69 30.72
C ARG A 655 10.39 13.02 31.00
N ARG A 656 10.98 12.32 31.96
CA ARG A 656 12.35 12.60 32.39
C ARG A 656 13.32 12.41 31.23
N ASN A 657 13.16 11.30 30.51
CA ASN A 657 14.07 11.00 29.44
C ASN A 657 13.36 11.12 28.09
N SER A 658 14.14 11.51 27.07
CA SER A 658 13.57 11.87 25.78
C SER A 658 13.39 10.70 24.84
N ASN A 659 12.15 10.40 24.52
CA ASN A 659 11.89 9.35 23.56
C ASN A 659 10.69 9.73 22.76
N ILE A 660 10.69 9.32 21.51
CA ILE A 660 9.56 9.58 20.66
C ILE A 660 8.41 8.72 21.13
N SER A 661 8.72 7.50 21.59
CA SER A 661 7.69 6.55 21.98
C SER A 661 6.91 7.06 23.18
N THR A 662 7.62 7.72 24.09
CA THR A 662 7.01 8.34 25.26
C THR A 662 6.31 9.62 24.90
N GLY A 663 6.46 10.07 23.66
CA GLY A 663 5.73 11.25 23.23
C GLY A 663 6.64 12.43 23.03
N GLY A 664 7.93 12.13 22.93
CA GLY A 664 8.99 13.10 22.76
C GLY A 664 8.96 13.81 21.42
N ASP A 665 9.77 14.86 21.25
CA ASP A 665 9.82 15.60 19.98
C ASP A 665 11.06 15.30 19.10
N SER A 666 10.84 15.13 17.80
CA SER A 666 11.96 14.97 16.89
C SER A 666 12.12 16.32 16.26
N ILE A 667 13.35 16.83 16.16
CA ILE A 667 13.62 18.14 15.58
C ILE A 667 14.71 18.03 14.53
N ASP A 668 14.40 18.27 13.25
CA ASP A 668 15.43 18.23 12.23
C ASP A 668 16.49 19.33 12.48
N VAL A 669 17.76 18.92 12.63
CA VAL A 669 18.84 19.81 12.99
C VAL A 669 19.90 19.82 11.90
N THR A 670 19.53 19.31 10.74
CA THR A 670 20.53 19.03 9.74
C THR A 670 21.25 20.30 9.33
N ASN A 671 20.55 21.41 9.26
CA ASN A 671 21.14 22.62 8.70
C ASN A 671 21.86 23.46 9.75
N THR A 672 21.38 23.41 10.98
CA THR A 672 22.10 24.03 12.09
C THR A 672 23.33 23.24 12.61
N MET A 673 23.43 21.97 12.34
CA MET A 673 24.52 21.23 12.96
C MET A 673 25.88 21.58 12.37
N ASP A 674 26.90 21.66 13.21
CA ASP A 674 28.24 21.96 12.71
C ASP A 674 28.68 20.85 11.78
N PRO A 675 29.12 21.22 10.58
CA PRO A 675 29.52 20.25 9.56
C PRO A 675 30.60 19.30 10.05
N THR A 676 31.43 19.71 11.00
CA THR A 676 32.56 18.87 11.41
C THR A 676 32.13 17.52 11.96
N TYR A 677 31.05 17.55 12.73
CA TYR A 677 30.47 16.35 13.32
C TYR A 677 29.73 15.51 12.27
N LYS A 678 29.20 16.14 11.23
CA LYS A 678 28.50 15.37 10.20
C LYS A 678 29.55 14.53 9.48
N GLN A 679 30.68 15.17 9.23
CA GLN A 679 31.83 14.50 8.69
C GLN A 679 32.17 13.28 9.57
N LEU A 680 32.42 13.57 10.84
CA LEU A 680 32.87 12.57 11.76
C LEU A 680 31.94 11.36 11.74
N ALA A 681 30.63 11.60 11.81
CA ALA A 681 29.66 10.48 11.84
C ALA A 681 29.81 9.56 10.66
N ALA A 682 30.32 10.10 9.54
CA ALA A 682 30.41 9.34 8.30
C ALA A 682 31.74 8.62 8.22
N GLU A 683 32.80 9.25 8.72
CA GLU A 683 34.03 8.51 8.90
C GLU A 683 33.75 7.28 9.76
N MET A 684 32.99 7.46 10.85
CA MET A 684 32.67 6.33 11.73
C MET A 684 31.88 5.27 11.00
N ALA A 685 30.89 5.67 10.21
CA ALA A 685 30.20 4.67 9.40
C ALA A 685 31.18 4.03 8.41
N GLU A 686 32.10 4.80 7.84
CA GLU A 686 33.00 4.21 6.85
C GLU A 686 33.88 3.13 7.48
N ALA A 687 34.09 3.23 8.78
CA ALA A 687 35.05 2.38 9.44
C ALA A 687 34.43 1.03 9.79
N MET A 688 33.12 1.01 9.73
CA MET A 688 32.38 -0.22 9.84
C MET A 688 31.91 -0.65 8.49
N GLY A 689 32.20 0.12 7.45
CA GLY A 689 31.70 -0.22 6.13
C GLY A 689 30.20 -0.40 6.19
N ALA A 690 29.56 0.43 7.00
CA ALA A 690 28.12 0.41 7.13
C ALA A 690 27.50 1.40 6.17
N TRP A 691 26.82 0.85 5.17
CA TRP A 691 26.28 1.64 4.11
C TRP A 691 25.20 2.56 4.63
N VAL A 692 24.35 2.09 5.55
CA VAL A 692 23.21 2.88 5.94
C VAL A 692 23.10 3.03 7.40
N CYS A 693 24.19 2.77 8.08
CA CYS A 693 24.17 2.96 9.52
C CYS A 693 23.61 4.36 10.01
N GLY A 694 23.27 4.44 11.29
CA GLY A 694 22.85 5.67 11.93
C GLY A 694 23.71 5.98 13.15
N VAL A 695 24.49 7.05 13.11
CA VAL A 695 25.42 7.33 14.21
C VAL A 695 24.77 8.22 15.23
N ASP A 696 25.28 8.10 16.46
CA ASP A 696 24.68 8.80 17.63
CA ASP A 696 24.70 8.75 17.61
C ASP A 696 25.79 9.36 18.45
N LEU A 697 26.03 10.64 18.29
CA LEU A 697 27.08 11.28 19.03
C LEU A 697 26.53 12.01 20.23
N ILE A 698 27.34 12.11 21.28
CA ILE A 698 27.04 13.01 22.37
C ILE A 698 27.96 14.22 22.22
N ILE A 699 27.35 15.37 21.92
CA ILE A 699 28.08 16.60 21.63
C ILE A 699 27.79 17.68 22.64
N PRO A 700 28.79 18.09 23.42
CA PRO A 700 28.50 19.18 24.36
C PRO A 700 28.29 20.52 23.64
N ASN A 701 29.03 20.79 22.58
CA ASN A 701 28.82 22.04 21.88
C ASN A 701 28.71 21.87 20.36
N ALA A 702 27.48 21.95 19.87
CA ALA A 702 27.20 21.67 18.48
C ALA A 702 27.45 22.87 17.58
N THR A 703 27.71 24.03 18.19
CA THR A 703 28.09 25.22 17.45
C THR A 703 29.60 25.29 17.28
N GLN A 704 30.30 24.85 18.31
CA GLN A 704 31.75 24.80 18.27
C GLN A 704 32.20 23.64 17.38
N ALA A 705 33.30 23.81 16.67
CA ALA A 705 33.84 22.75 15.81
C ALA A 705 34.49 21.64 16.65
N TYR A 706 34.56 20.45 16.06
CA TYR A 706 35.09 19.28 16.76
C TYR A 706 36.58 19.10 16.62
N SER A 707 37.29 18.93 17.73
CA SER A 707 38.74 18.69 17.72
C SER A 707 39.06 17.50 18.56
N LYS A 708 39.84 16.57 18.03
CA LYS A 708 40.15 15.36 18.78
C LYS A 708 40.90 15.80 20.03
N ASP A 709 41.75 16.82 19.88
CA ASP A 709 42.52 17.36 20.99
C ASP A 709 41.55 17.75 22.08
N LYS A 710 40.44 18.30 21.64
CA LYS A 710 39.43 18.77 22.57
C LYS A 710 38.54 17.63 23.09
N LYS A 711 38.63 16.44 22.47
CA LYS A 711 37.77 15.32 22.85
C LYS A 711 36.32 15.88 22.94
N ASN A 712 36.00 16.65 21.89
CA ASN A 712 34.77 17.41 21.77
C ASN A 712 33.54 16.55 21.70
N ALA A 713 33.63 15.43 21.00
CA ALA A 713 32.49 14.52 20.82
C ALA A 713 32.90 13.08 21.15
N THR A 714 31.94 12.26 21.58
CA THR A 714 32.17 10.81 21.81
C THR A 714 30.98 9.94 21.33
N CYS A 715 31.27 8.91 20.54
CA CYS A 715 30.19 8.19 19.89
C CYS A 715 29.55 7.19 20.82
N ILE A 716 28.34 7.50 21.27
CA ILE A 716 27.70 6.69 22.30
C ILE A 716 27.23 5.37 21.74
N GLU A 717 26.73 5.38 20.52
CA GLU A 717 26.12 4.18 19.98
C GLU A 717 26.15 4.25 18.48
N LEU A 718 25.85 3.14 17.84
CA LEU A 718 25.93 3.11 16.41
C LEU A 718 25.00 2.06 15.84
N ASN A 719 23.91 2.48 15.23
CA ASN A 719 22.81 1.56 14.93
C ASN A 719 22.77 1.17 13.50
N PHE A 720 22.76 -0.13 13.19
CA PHE A 720 22.79 -0.51 11.77
C PHE A 720 21.43 -0.83 11.15
N ASN A 721 20.39 -0.49 11.89
CA ASN A 721 19.06 -0.48 11.38
C ASN A 721 18.52 0.82 11.94
N PRO A 722 19.10 1.97 11.50
CA PRO A 722 18.55 3.24 11.93
C PRO A 722 17.10 3.33 11.50
N LEU A 723 16.32 4.06 12.26
CA LEU A 723 14.92 4.15 11.98
C LEU A 723 14.81 5.40 11.12
N MET A 724 14.34 5.28 9.89
CA MET A 724 14.52 6.37 8.93
C MET A 724 13.37 7.42 8.98
N TYR A 725 12.18 6.98 9.31
CA TYR A 725 11.05 7.88 9.20
C TYR A 725 11.14 9.04 10.13
N MET A 726 11.86 8.84 11.24
CA MET A 726 11.99 9.87 12.27
C MET A 726 12.63 11.12 11.68
N HIS A 727 13.52 10.94 10.69
CA HIS A 727 14.26 12.06 10.10
C HIS A 727 13.46 12.85 9.10
N THR A 728 12.63 12.16 8.34
CA THR A 728 11.76 12.79 7.36
C THR A 728 10.55 13.50 7.98
N TYR A 729 9.98 12.95 9.05
CA TYR A 729 8.79 13.55 9.70
C TYR A 729 8.99 13.98 11.15
N CYS A 730 9.24 15.27 11.34
CA CYS A 730 9.64 15.76 12.66
C CYS A 730 8.68 16.77 13.23
N GLN A 731 8.59 16.79 14.56
CA GLN A 731 7.71 17.72 15.25
C GLN A 731 8.08 19.15 14.86
N GLU A 732 9.38 19.39 14.77
CA GLU A 732 9.92 20.68 14.41
C GLU A 732 11.09 20.49 13.48
N GLY A 733 11.26 21.40 12.53
CA GLY A 733 12.32 21.28 11.55
C GLY A 733 11.68 20.84 10.26
N PRO A 734 12.41 20.97 9.16
CA PRO A 734 11.98 20.63 7.79
C PRO A 734 11.98 19.13 7.50
N GLY A 735 13.01 18.45 7.99
CA GLY A 735 13.23 17.07 7.63
C GLY A 735 13.89 16.91 6.26
N GLN A 736 14.25 15.68 5.92
CA GLN A 736 14.85 15.39 4.63
C GLN A 736 14.47 14.00 4.16
N SER A 737 14.43 13.78 2.85
CA SER A 737 13.96 12.49 2.35
C SER A 737 15.14 11.56 2.43
N ILE A 738 14.88 10.40 3.01
CA ILE A 738 15.87 9.37 3.15
C ILE A 738 15.50 8.16 2.31
N THR A 739 14.24 7.75 2.33
CA THR A 739 13.84 6.48 1.66
C THR A 739 14.09 6.45 0.17
N PRO A 740 13.80 7.56 -0.53
CA PRO A 740 14.03 7.61 -1.97
C PRO A 740 15.49 7.45 -2.39
N ARG A 741 16.41 8.03 -1.61
CA ARG A 741 17.82 8.09 -1.98
C ARG A 741 18.46 6.73 -1.89
N ILE A 742 18.16 6.02 -0.84
CA ILE A 742 18.61 4.67 -0.70
C ILE A 742 18.18 3.82 -1.89
N LEU A 743 16.91 3.94 -2.30
CA LEU A 743 16.37 3.08 -3.32
C LEU A 743 16.97 3.43 -4.63
N ALA A 744 17.27 4.72 -4.82
CA ALA A 744 17.82 5.16 -6.08
C ALA A 744 19.20 4.59 -6.16
N LYS A 745 19.96 4.71 -5.09
CA LYS A 745 21.27 4.10 -5.08
C LYS A 745 21.25 2.56 -5.22
N LEU A 746 20.18 1.93 -4.78
CA LEU A 746 20.10 0.49 -4.90
C LEU A 746 19.95 0.10 -6.33
N PHE A 747 19.20 0.91 -7.05
CA PHE A 747 18.94 0.65 -8.43
C PHE A 747 19.22 1.88 -9.26
N PRO A 748 20.49 2.08 -9.66
CA PRO A 748 20.91 3.25 -10.44
C PRO A 748 20.25 3.35 -11.81
N GLU A 749 20.10 2.23 -12.49
CA GLU A 749 19.29 2.13 -13.69
C GLU A 749 17.85 2.73 -13.53
N LEU A 750 17.07 2.18 -12.61
CA LEU A 750 15.68 2.56 -12.44
C LEU A 750 15.50 3.66 -11.38
S SO4 B . 12.74 6.52 20.56
O1 SO4 B . 13.11 6.06 19.20
O2 SO4 B . 13.62 5.92 21.57
O3 SO4 B . 11.31 6.21 20.82
O4 SO4 B . 12.97 7.96 20.63
#